data_6AT0
# 
_entry.id   6AT0 
# 
_audit_conform.dict_name       mmcif_pdbx.dic 
_audit_conform.dict_version    5.379 
_audit_conform.dict_location   http://mmcif.pdb.org/dictionaries/ascii/mmcif_pdbx.dic 
# 
loop_
_database_2.database_id 
_database_2.database_code 
_database_2.pdbx_database_accession 
_database_2.pdbx_DOI 
PDB   6AT0         pdb_00006at0 10.2210/pdb6at0/pdb 
WWPDB D_1000229784 ?            ?                   
# 
_pdbx_database_status.status_code                     REL 
_pdbx_database_status.status_code_sf                  REL 
_pdbx_database_status.status_code_mr                  ? 
_pdbx_database_status.entry_id                        6AT0 
_pdbx_database_status.recvd_initial_deposition_date   2017-08-27 
_pdbx_database_status.SG_entry                        N 
_pdbx_database_status.deposit_site                    RCSB 
_pdbx_database_status.process_site                    RCSB 
_pdbx_database_status.status_code_cs                  ? 
_pdbx_database_status.methods_development_category    ? 
_pdbx_database_status.pdb_format_compatible           Y 
_pdbx_database_status.status_code_nmr_data            ? 
# 
loop_
_audit_author.name 
_audit_author.pdbx_ordinal 
_audit_author.identifier_ORCID 
'Brustad, E.M.' 1 ? 
'Baril, S.A.'   2 ? 
'Waters, M.L.'  3 ? 
# 
_citation.abstract                  ? 
_citation.abstract_id_CAS           ? 
_citation.book_id_ISBN              ? 
_citation.book_publisher            ? 
_citation.book_publisher_city       ? 
_citation.book_title                ? 
_citation.coordinate_linkage        ? 
_citation.country                   US 
_citation.database_id_Medline       ? 
_citation.details                   ? 
_citation.id                        primary 
_citation.journal_abbrev            'J. Am. Chem. Soc.' 
_citation.journal_id_ASTM           JACSAT 
_citation.journal_id_CSD            ? 
_citation.journal_id_ISSN           1520-5126 
_citation.journal_full              ? 
_citation.journal_issue             ? 
_citation.journal_volume            139 
_citation.language                  ? 
_citation.page_first                17253 
_citation.page_last                 17256 
_citation.title                     
'Investigation of Trimethyllysine Binding by the HP1 Chromodomain via Unnatural Amino Acid Mutagenesis.' 
_citation.year                      2017 
_citation.database_id_CSD           ? 
_citation.pdbx_database_id_DOI      10.1021/jacs.7b09223 
_citation.pdbx_database_id_PubMed   29111699 
_citation.unpublished_flag          ? 
# 
loop_
_citation_author.citation_id 
_citation_author.name 
_citation_author.ordinal 
_citation_author.identifier_ORCID 
primary 'Baril, S.A.'    1 ? 
primary 'Koenig, A.L.'   2 ? 
primary 'Krone, M.W.'    3 ? 
primary 'Albanese, K.I.' 4 ? 
primary 'He, C.Q.'       5 ? 
primary 'Lee, G.Y.'      6 ? 
primary 'Houk, K.N.'     7 ? 
primary 'Waters, M.L.'   8 ? 
primary 'Brustad, E.M.'  9 ? 
# 
_cell.angle_alpha                  90.000 
_cell.angle_alpha_esd              ? 
_cell.angle_beta                   90.000 
_cell.angle_beta_esd               ? 
_cell.angle_gamma                  90.000 
_cell.angle_gamma_esd              ? 
_cell.entry_id                     6AT0 
_cell.details                      ? 
_cell.formula_units_Z              ? 
_cell.length_a                     34.417 
_cell.length_a_esd                 ? 
_cell.length_b                     76.857 
_cell.length_b_esd                 ? 
_cell.length_c                     76.479 
_cell.length_c_esd                 ? 
_cell.volume                       ? 
_cell.volume_esd                   ? 
_cell.Z_PDB                        8 
_cell.reciprocal_angle_alpha       ? 
_cell.reciprocal_angle_beta        ? 
_cell.reciprocal_angle_gamma       ? 
_cell.reciprocal_angle_alpha_esd   ? 
_cell.reciprocal_angle_beta_esd    ? 
_cell.reciprocal_angle_gamma_esd   ? 
_cell.reciprocal_length_a          ? 
_cell.reciprocal_length_b          ? 
_cell.reciprocal_length_c          ? 
_cell.reciprocal_length_a_esd      ? 
_cell.reciprocal_length_b_esd      ? 
_cell.reciprocal_length_c_esd      ? 
_cell.pdbx_unique_axis             ? 
# 
_symmetry.entry_id                         6AT0 
_symmetry.cell_setting                     ? 
_symmetry.Int_Tables_number                20 
_symmetry.space_group_name_Hall            ? 
_symmetry.space_group_name_H-M             'C 2 2 21' 
_symmetry.pdbx_full_space_group_name_H-M   ? 
# 
loop_
_entity.id 
_entity.type 
_entity.src_method 
_entity.pdbx_description 
_entity.formula_weight 
_entity.pdbx_number_of_molecules 
_entity.pdbx_ec 
_entity.pdbx_mutation 
_entity.pdbx_fragment 
_entity.details 
1 polymer man 'Heterochromatin protein 1'                8615.466 1  ? K38M 'Chromo 1 domain, residues 17-76' ? 
2 polymer syn 'trimethyl lysine histone H3 tail peptide' 733.857  1  ? ?    ?                                 ? 
3 water   nat water                                      18.015   40 ? ?    ?                                 ? 
# 
_entity_name_com.entity_id   1 
_entity_name_com.name        'HP1,Non-histone chromosomal protein C1A9 antigen' 
# 
loop_
_entity_poly.entity_id 
_entity_poly.type 
_entity_poly.nstd_linkage 
_entity_poly.nstd_monomer 
_entity_poly.pdbx_seq_one_letter_code 
_entity_poly.pdbx_seq_one_letter_code_can 
_entity_poly.pdbx_strand_id 
_entity_poly.pdbx_target_identifier 
1 'polypeptide(L)' no yes 'MKKHHHHHHAEEEEEE(PPN)AVEKIIDRRVRKGMVEYYLKWKGYPETENTWEPENNLDCQDLIQQYEASRKD' 
MKKHHHHHHAEEEEEEFAVEKIIDRRVRKGMVEYYLKWKGYPETENTWEPENNLDCQDLIQQYEASRKD A ? 
2 'polypeptide(L)' no yes 'QTAR(M3L)S'                                                                QTARKS P ? 
# 
loop_
_entity_poly_seq.entity_id 
_entity_poly_seq.num 
_entity_poly_seq.mon_id 
_entity_poly_seq.hetero 
1 1  MET n 
1 2  LYS n 
1 3  LYS n 
1 4  HIS n 
1 5  HIS n 
1 6  HIS n 
1 7  HIS n 
1 8  HIS n 
1 9  HIS n 
1 10 ALA n 
1 11 GLU n 
1 12 GLU n 
1 13 GLU n 
1 14 GLU n 
1 15 GLU n 
1 16 GLU n 
1 17 PPN n 
1 18 ALA n 
1 19 VAL n 
1 20 GLU n 
1 21 LYS n 
1 22 ILE n 
1 23 ILE n 
1 24 ASP n 
1 25 ARG n 
1 26 ARG n 
1 27 VAL n 
1 28 ARG n 
1 29 LYS n 
1 30 GLY n 
1 31 MET n 
1 32 VAL n 
1 33 GLU n 
1 34 TYR n 
1 35 TYR n 
1 36 LEU n 
1 37 LYS n 
1 38 TRP n 
1 39 LYS n 
1 40 GLY n 
1 41 TYR n 
1 42 PRO n 
1 43 GLU n 
1 44 THR n 
1 45 GLU n 
1 46 ASN n 
1 47 THR n 
1 48 TRP n 
1 49 GLU n 
1 50 PRO n 
1 51 GLU n 
1 52 ASN n 
1 53 ASN n 
1 54 LEU n 
1 55 ASP n 
1 56 CYS n 
1 57 GLN n 
1 58 ASP n 
1 59 LEU n 
1 60 ILE n 
1 61 GLN n 
1 62 GLN n 
1 63 TYR n 
1 64 GLU n 
1 65 ALA n 
1 66 SER n 
1 67 ARG n 
1 68 LYS n 
1 69 ASP n 
2 1  GLN n 
2 2  THR n 
2 3  ALA n 
2 4  ARG n 
2 5  M3L n 
2 6  SER n 
# 
_entity_src_gen.entity_id                          1 
_entity_src_gen.pdbx_src_id                        1 
_entity_src_gen.pdbx_alt_source_flag               sample 
_entity_src_gen.pdbx_seq_type                      'Biological sequence' 
_entity_src_gen.pdbx_beg_seq_num                   1 
_entity_src_gen.pdbx_end_seq_num                   69 
_entity_src_gen.gene_src_common_name               'Fruit fly' 
_entity_src_gen.gene_src_genus                     ? 
_entity_src_gen.pdbx_gene_src_gene                 'Su(var)205, HP1, CG8409' 
_entity_src_gen.gene_src_species                   ? 
_entity_src_gen.gene_src_strain                    ? 
_entity_src_gen.gene_src_tissue                    ? 
_entity_src_gen.gene_src_tissue_fraction           ? 
_entity_src_gen.gene_src_details                   ? 
_entity_src_gen.pdbx_gene_src_fragment             ? 
_entity_src_gen.pdbx_gene_src_scientific_name      'Drosophila melanogaster' 
_entity_src_gen.pdbx_gene_src_ncbi_taxonomy_id     7227 
_entity_src_gen.pdbx_gene_src_variant              ? 
_entity_src_gen.pdbx_gene_src_cell_line            ? 
_entity_src_gen.pdbx_gene_src_atcc                 ? 
_entity_src_gen.pdbx_gene_src_organ                ? 
_entity_src_gen.pdbx_gene_src_organelle            ? 
_entity_src_gen.pdbx_gene_src_cell                 ? 
_entity_src_gen.pdbx_gene_src_cellular_location    ? 
_entity_src_gen.host_org_common_name               ? 
_entity_src_gen.pdbx_host_org_scientific_name      'Escherichia coli BL21(DE3)' 
_entity_src_gen.pdbx_host_org_ncbi_taxonomy_id     469008 
_entity_src_gen.host_org_genus                     ? 
_entity_src_gen.pdbx_host_org_gene                 ? 
_entity_src_gen.pdbx_host_org_organ                ? 
_entity_src_gen.host_org_species                   ? 
_entity_src_gen.pdbx_host_org_tissue               ? 
_entity_src_gen.pdbx_host_org_tissue_fraction      ? 
_entity_src_gen.pdbx_host_org_strain               'BL21 (DE3)' 
_entity_src_gen.pdbx_host_org_variant              ? 
_entity_src_gen.pdbx_host_org_cell_line            ? 
_entity_src_gen.pdbx_host_org_atcc                 ? 
_entity_src_gen.pdbx_host_org_culture_collection   ? 
_entity_src_gen.pdbx_host_org_cell                 ? 
_entity_src_gen.pdbx_host_org_organelle            ? 
_entity_src_gen.pdbx_host_org_cellular_location    ? 
_entity_src_gen.pdbx_host_org_vector_type          ? 
_entity_src_gen.pdbx_host_org_vector               ? 
_entity_src_gen.host_org_details                   ? 
_entity_src_gen.expression_system_id               ? 
_entity_src_gen.plasmid_name                       ? 
_entity_src_gen.plasmid_details                    ? 
_entity_src_gen.pdbx_description                   ? 
# 
_pdbx_entity_src_syn.entity_id              2 
_pdbx_entity_src_syn.pdbx_src_id            1 
_pdbx_entity_src_syn.pdbx_alt_source_flag   sample 
_pdbx_entity_src_syn.pdbx_beg_seq_num       1 
_pdbx_entity_src_syn.pdbx_end_seq_num       6 
_pdbx_entity_src_syn.organism_scientific    'Drosophila melanogaster' 
_pdbx_entity_src_syn.organism_common_name   ? 
_pdbx_entity_src_syn.ncbi_taxonomy_id       7227 
_pdbx_entity_src_syn.details                ? 
# 
loop_
_struct_ref.id 
_struct_ref.db_name 
_struct_ref.db_code 
_struct_ref.pdbx_db_accession 
_struct_ref.pdbx_db_isoform 
_struct_ref.entity_id 
_struct_ref.pdbx_seq_one_letter_code 
_struct_ref.pdbx_align_begin 
1 UNP HP1_DROME P05205 ? 1 AEEEEEEYAVEKIIDRRVRKGKVEYYLKWKGYPETENTWEPENNLDCQDLIQQYEASRKD 17 
2 PDB 6AT0      6AT0   ? 2 ?                                                            1  
# 
loop_
_struct_ref_seq.align_id 
_struct_ref_seq.ref_id 
_struct_ref_seq.pdbx_PDB_id_code 
_struct_ref_seq.pdbx_strand_id 
_struct_ref_seq.seq_align_beg 
_struct_ref_seq.pdbx_seq_align_beg_ins_code 
_struct_ref_seq.seq_align_end 
_struct_ref_seq.pdbx_seq_align_end_ins_code 
_struct_ref_seq.pdbx_db_accession 
_struct_ref_seq.db_align_beg 
_struct_ref_seq.pdbx_db_align_beg_ins_code 
_struct_ref_seq.db_align_end 
_struct_ref_seq.pdbx_db_align_end_ins_code 
_struct_ref_seq.pdbx_auth_seq_align_beg 
_struct_ref_seq.pdbx_auth_seq_align_end 
1 1 6AT0 A 10 ? 69 ? P05205 17 ? 76 ? 17 76 
2 2 6AT0 P 1  ? 6  ? 6AT0   5  ? 10 ? 5  10 
# 
loop_
_struct_ref_seq_dif.align_id 
_struct_ref_seq_dif.pdbx_pdb_id_code 
_struct_ref_seq_dif.mon_id 
_struct_ref_seq_dif.pdbx_pdb_strand_id 
_struct_ref_seq_dif.seq_num 
_struct_ref_seq_dif.pdbx_pdb_ins_code 
_struct_ref_seq_dif.pdbx_seq_db_name 
_struct_ref_seq_dif.pdbx_seq_db_accession_code 
_struct_ref_seq_dif.db_mon_id 
_struct_ref_seq_dif.pdbx_seq_db_seq_num 
_struct_ref_seq_dif.details 
_struct_ref_seq_dif.pdbx_auth_seq_num 
_struct_ref_seq_dif.pdbx_ordinal 
1 6AT0 MET A 1  ? UNP P05205 ?   ?  'initiating methionine' 8  1  
1 6AT0 LYS A 2  ? UNP P05205 ?   ?  'expression tag'        9  2  
1 6AT0 LYS A 3  ? UNP P05205 ?   ?  'expression tag'        10 3  
1 6AT0 HIS A 4  ? UNP P05205 ?   ?  'expression tag'        11 4  
1 6AT0 HIS A 5  ? UNP P05205 ?   ?  'expression tag'        12 5  
1 6AT0 HIS A 6  ? UNP P05205 ?   ?  'expression tag'        13 6  
1 6AT0 HIS A 7  ? UNP P05205 ?   ?  'expression tag'        14 7  
1 6AT0 HIS A 8  ? UNP P05205 ?   ?  'expression tag'        15 8  
1 6AT0 HIS A 9  ? UNP P05205 ?   ?  'expression tag'        16 9  
1 6AT0 PPN A 17 ? UNP P05205 TYR 24 'engineered mutation'   24 10 
1 6AT0 MET A 31 ? UNP P05205 LYS 38 'engineered mutation'   38 11 
# 
loop_
_chem_comp.id 
_chem_comp.type 
_chem_comp.mon_nstd_flag 
_chem_comp.name 
_chem_comp.pdbx_synonyms 
_chem_comp.formula 
_chem_comp.formula_weight 
ALA 'L-peptide linking' y ALANINE                 ? 'C3 H7 N O2'     89.093  
ARG 'L-peptide linking' y ARGININE                ? 'C6 H15 N4 O2 1' 175.209 
ASN 'L-peptide linking' y ASPARAGINE              ? 'C4 H8 N2 O3'    132.118 
ASP 'L-peptide linking' y 'ASPARTIC ACID'         ? 'C4 H7 N O4'     133.103 
CYS 'L-peptide linking' y CYSTEINE                ? 'C3 H7 N O2 S'   121.158 
GLN 'L-peptide linking' y GLUTAMINE               ? 'C5 H10 N2 O3'   146.144 
GLU 'L-peptide linking' y 'GLUTAMIC ACID'         ? 'C5 H9 N O4'     147.129 
GLY 'peptide linking'   y GLYCINE                 ? 'C2 H5 N O2'     75.067  
HIS 'L-peptide linking' y HISTIDINE               ? 'C6 H10 N3 O2 1' 156.162 
HOH non-polymer         . WATER                   ? 'H2 O'           18.015  
ILE 'L-peptide linking' y ISOLEUCINE              ? 'C6 H13 N O2'    131.173 
LEU 'L-peptide linking' y LEUCINE                 ? 'C6 H13 N O2'    131.173 
LYS 'L-peptide linking' y LYSINE                  ? 'C6 H15 N2 O2 1' 147.195 
M3L 'L-peptide linking' n N-TRIMETHYLLYSINE       ? 'C9 H21 N2 O2 1' 189.275 
MET 'L-peptide linking' y METHIONINE              ? 'C5 H11 N O2 S'  149.211 
PPN 'L-peptide linking' n PARA-NITROPHENYLALANINE ? 'C9 H10 N2 O4'   210.187 
PRO 'L-peptide linking' y PROLINE                 ? 'C5 H9 N O2'     115.130 
SER 'L-peptide linking' y SERINE                  ? 'C3 H7 N O3'     105.093 
THR 'L-peptide linking' y THREONINE               ? 'C4 H9 N O3'     119.119 
TRP 'L-peptide linking' y TRYPTOPHAN              ? 'C11 H12 N2 O2'  204.225 
TYR 'L-peptide linking' y TYROSINE                ? 'C9 H11 N O3'    181.189 
VAL 'L-peptide linking' y VALINE                  ? 'C5 H11 N O2'    117.146 
# 
_exptl.absorpt_coefficient_mu     ? 
_exptl.absorpt_correction_T_max   ? 
_exptl.absorpt_correction_T_min   ? 
_exptl.absorpt_correction_type    ? 
_exptl.absorpt_process_details    ? 
_exptl.entry_id                   6AT0 
_exptl.crystals_number            1 
_exptl.details                    ? 
_exptl.method                     'X-RAY DIFFRACTION' 
_exptl.method_details             ? 
# 
_exptl_crystal.colour                      ? 
_exptl_crystal.density_diffrn              ? 
_exptl_crystal.density_Matthews            2.70 
_exptl_crystal.density_method              ? 
_exptl_crystal.density_percent_sol         54.52 
_exptl_crystal.description                 ? 
_exptl_crystal.F_000                       ? 
_exptl_crystal.id                          1 
_exptl_crystal.preparation                 ? 
_exptl_crystal.size_max                    ? 
_exptl_crystal.size_mid                    ? 
_exptl_crystal.size_min                    ? 
_exptl_crystal.size_rad                    ? 
_exptl_crystal.colour_lustre               ? 
_exptl_crystal.colour_modifier             ? 
_exptl_crystal.colour_primary              ? 
_exptl_crystal.density_meas                ? 
_exptl_crystal.density_meas_esd            ? 
_exptl_crystal.density_meas_gt             ? 
_exptl_crystal.density_meas_lt             ? 
_exptl_crystal.density_meas_temp           ? 
_exptl_crystal.density_meas_temp_esd       ? 
_exptl_crystal.density_meas_temp_gt        ? 
_exptl_crystal.density_meas_temp_lt        ? 
_exptl_crystal.pdbx_crystal_image_url      ? 
_exptl_crystal.pdbx_crystal_image_format   ? 
_exptl_crystal.pdbx_mosaicity              ? 
_exptl_crystal.pdbx_mosaicity_esd          ? 
# 
_exptl_crystal_grow.apparatus       ? 
_exptl_crystal_grow.atmosphere      ? 
_exptl_crystal_grow.crystal_id      1 
_exptl_crystal_grow.details         ? 
_exptl_crystal_grow.method          'VAPOR DIFFUSION, SITTING DROP' 
_exptl_crystal_grow.method_ref      ? 
_exptl_crystal_grow.pH              5.8 
_exptl_crystal_grow.pressure        ? 
_exptl_crystal_grow.pressure_esd    ? 
_exptl_crystal_grow.seeding         ? 
_exptl_crystal_grow.seeding_ref     ? 
_exptl_crystal_grow.temp            277 
_exptl_crystal_grow.temp_details    ? 
_exptl_crystal_grow.temp_esd        ? 
_exptl_crystal_grow.time            ? 
_exptl_crystal_grow.pdbx_details    '0.1M MES, 3.0M (NH4)2SO4' 
_exptl_crystal_grow.pdbx_pH_range   ? 
# 
_diffrn.ambient_environment    ? 
_diffrn.ambient_temp           100 
_diffrn.ambient_temp_details   ? 
_diffrn.ambient_temp_esd       ? 
_diffrn.crystal_id             1 
_diffrn.crystal_support        ? 
_diffrn.crystal_treatment      ? 
_diffrn.details                ? 
_diffrn.id                     1 
_diffrn.ambient_pressure       ? 
_diffrn.ambient_pressure_esd   ? 
_diffrn.ambient_pressure_gt    ? 
_diffrn.ambient_pressure_lt    ? 
_diffrn.ambient_temp_gt        ? 
_diffrn.ambient_temp_lt        ? 
# 
_diffrn_detector.details                      ? 
_diffrn_detector.detector                     CCD 
_diffrn_detector.diffrn_id                    1 
_diffrn_detector.type                         'MARMOSAIC 300 mm CCD' 
_diffrn_detector.area_resol_mean              ? 
_diffrn_detector.dtime                        ? 
_diffrn_detector.pdbx_frames_total            ? 
_diffrn_detector.pdbx_collection_time_total   ? 
_diffrn_detector.pdbx_collection_date         2015-11-09 
# 
_diffrn_radiation.collimation                      ? 
_diffrn_radiation.diffrn_id                        1 
_diffrn_radiation.filter_edge                      ? 
_diffrn_radiation.inhomogeneity                    ? 
_diffrn_radiation.monochromator                    ? 
_diffrn_radiation.polarisn_norm                    ? 
_diffrn_radiation.polarisn_ratio                   ? 
_diffrn_radiation.probe                            ? 
_diffrn_radiation.type                             ? 
_diffrn_radiation.xray_symbol                      ? 
_diffrn_radiation.wavelength_id                    1 
_diffrn_radiation.pdbx_monochromatic_or_laue_m_l   M 
_diffrn_radiation.pdbx_wavelength_list             ? 
_diffrn_radiation.pdbx_wavelength                  ? 
_diffrn_radiation.pdbx_diffrn_protocol             'SINGLE WAVELENGTH' 
_diffrn_radiation.pdbx_analyzer                    ? 
_diffrn_radiation.pdbx_scattering_type             x-ray 
# 
_diffrn_radiation_wavelength.id           1 
_diffrn_radiation_wavelength.wavelength   1.000 
_diffrn_radiation_wavelength.wt           1.0 
# 
_diffrn_source.current                     ? 
_diffrn_source.details                     ? 
_diffrn_source.diffrn_id                   1 
_diffrn_source.power                       ? 
_diffrn_source.size                        ? 
_diffrn_source.source                      SYNCHROTRON 
_diffrn_source.target                      ? 
_diffrn_source.type                        'APS BEAMLINE 22-ID' 
_diffrn_source.voltage                     ? 
_diffrn_source.take-off_angle              ? 
_diffrn_source.pdbx_wavelength_list        1.000 
_diffrn_source.pdbx_wavelength             ? 
_diffrn_source.pdbx_synchrotron_beamline   22-ID 
_diffrn_source.pdbx_synchrotron_site       APS 
# 
_reflns.B_iso_Wilson_estimate            ? 
_reflns.entry_id                         6AT0 
_reflns.data_reduction_details           ? 
_reflns.data_reduction_method            ? 
_reflns.d_resolution_high                1.285 
_reflns.d_resolution_low                 11.2240 
_reflns.details                          ? 
_reflns.limit_h_max                      ? 
_reflns.limit_h_min                      ? 
_reflns.limit_k_max                      ? 
_reflns.limit_k_min                      ? 
_reflns.limit_l_max                      ? 
_reflns.limit_l_min                      ? 
_reflns.number_all                       ? 
_reflns.number_obs                       25429 
_reflns.observed_criterion               ? 
_reflns.observed_criterion_F_max         ? 
_reflns.observed_criterion_F_min         ? 
_reflns.observed_criterion_I_max         ? 
_reflns.observed_criterion_I_min         ? 
_reflns.observed_criterion_sigma_F       ? 
_reflns.observed_criterion_sigma_I       ? 
_reflns.percent_possible_obs             96.9 
_reflns.R_free_details                   ? 
_reflns.Rmerge_F_all                     ? 
_reflns.Rmerge_F_obs                     ? 
_reflns.Friedel_coverage                 ? 
_reflns.number_gt                        ? 
_reflns.threshold_expression             ? 
_reflns.pdbx_redundancy                  5.36 
_reflns.pdbx_Rmerge_I_obs                ? 
_reflns.pdbx_Rmerge_I_all                ? 
_reflns.pdbx_Rsym_value                  ? 
_reflns.pdbx_netI_over_av_sigmaI         ? 
_reflns.pdbx_netI_over_sigmaI            12.8 
_reflns.pdbx_res_netI_over_av_sigmaI_2   ? 
_reflns.pdbx_res_netI_over_sigmaI_2      ? 
_reflns.pdbx_chi_squared                 ? 
_reflns.pdbx_scaling_rejects             ? 
_reflns.pdbx_d_res_high_opt              ? 
_reflns.pdbx_d_res_low_opt               ? 
_reflns.pdbx_d_res_opt_method            ? 
_reflns.phase_calculation_details        ? 
_reflns.pdbx_Rrim_I_all                  ? 
_reflns.pdbx_Rpim_I_all                  ? 
_reflns.pdbx_d_opt                       ? 
_reflns.pdbx_number_measured_all         ? 
_reflns.pdbx_diffrn_id                   1 
_reflns.pdbx_ordinal                     1 
_reflns.pdbx_CC_half                     ? 
_reflns.pdbx_R_split                     ? 
# 
_reflns_shell.d_res_high                  . 
_reflns_shell.d_res_low                   ? 
_reflns_shell.meanI_over_sigI_all         ? 
_reflns_shell.meanI_over_sigI_obs         ? 
_reflns_shell.number_measured_all         ? 
_reflns_shell.number_measured_obs         ? 
_reflns_shell.number_possible             ? 
_reflns_shell.number_unique_all           ? 
_reflns_shell.number_unique_obs           ? 
_reflns_shell.percent_possible_all        ? 
_reflns_shell.percent_possible_obs        ? 
_reflns_shell.Rmerge_F_all                ? 
_reflns_shell.Rmerge_F_obs                ? 
_reflns_shell.Rmerge_I_all                ? 
_reflns_shell.Rmerge_I_obs                ? 
_reflns_shell.meanI_over_sigI_gt          ? 
_reflns_shell.meanI_over_uI_all           ? 
_reflns_shell.meanI_over_uI_gt            ? 
_reflns_shell.number_measured_gt          ? 
_reflns_shell.number_unique_gt            ? 
_reflns_shell.percent_possible_gt         ? 
_reflns_shell.Rmerge_F_gt                 ? 
_reflns_shell.Rmerge_I_gt                 ? 
_reflns_shell.pdbx_redundancy             ? 
_reflns_shell.pdbx_Rsym_value             ? 
_reflns_shell.pdbx_chi_squared            ? 
_reflns_shell.pdbx_netI_over_sigmaI_all   ? 
_reflns_shell.pdbx_netI_over_sigmaI_obs   ? 
_reflns_shell.pdbx_Rrim_I_all             ? 
_reflns_shell.pdbx_Rpim_I_all             ? 
_reflns_shell.pdbx_rejects                ? 
_reflns_shell.pdbx_ordinal                1 
_reflns_shell.pdbx_diffrn_id              1 
_reflns_shell.pdbx_CC_half                ? 
_reflns_shell.pdbx_R_split                ? 
# 
_refine.aniso_B[1][1]                            ? 
_refine.aniso_B[1][2]                            ? 
_refine.aniso_B[1][3]                            ? 
_refine.aniso_B[2][2]                            ? 
_refine.aniso_B[2][3]                            ? 
_refine.aniso_B[3][3]                            ? 
_refine.B_iso_max                                95.300 
_refine.B_iso_mean                               28.7653 
_refine.B_iso_min                                13.750 
_refine.correlation_coeff_Fo_to_Fc               ? 
_refine.correlation_coeff_Fo_to_Fc_free          ? 
_refine.details                                  ? 
_refine.diff_density_max                         ? 
_refine.diff_density_max_esd                     ? 
_refine.diff_density_min                         ? 
_refine.diff_density_min_esd                     ? 
_refine.diff_density_rms                         ? 
_refine.diff_density_rms_esd                     ? 
_refine.entry_id                                 6AT0 
_refine.pdbx_refine_id                           'X-RAY DIFFRACTION' 
_refine.ls_abs_structure_details                 ? 
_refine.ls_abs_structure_Flack                   ? 
_refine.ls_abs_structure_Flack_esd               ? 
_refine.ls_abs_structure_Rogers                  ? 
_refine.ls_abs_structure_Rogers_esd              ? 
_refine.ls_d_res_high                            1.2850 
_refine.ls_d_res_low                             11.2240 
_refine.ls_extinction_coef                       ? 
_refine.ls_extinction_coef_esd                   ? 
_refine.ls_extinction_expression                 ? 
_refine.ls_extinction_method                     ? 
_refine.ls_goodness_of_fit_all                   ? 
_refine.ls_goodness_of_fit_all_esd               ? 
_refine.ls_goodness_of_fit_obs                   ? 
_refine.ls_goodness_of_fit_obs_esd               ? 
_refine.ls_hydrogen_treatment                    ? 
_refine.ls_matrix_type                           ? 
_refine.ls_number_constraints                    ? 
_refine.ls_number_parameters                     ? 
_refine.ls_number_reflns_all                     ? 
_refine.ls_number_reflns_obs                     25429 
_refine.ls_number_reflns_R_free                  1291 
_refine.ls_number_reflns_R_work                  ? 
_refine.ls_number_restraints                     ? 
_refine.ls_percent_reflns_obs                    96.8400 
_refine.ls_percent_reflns_R_free                 5.0800 
_refine.ls_R_factor_all                          ? 
_refine.ls_R_factor_obs                          0.2418 
_refine.ls_R_factor_R_free                       0.2597 
_refine.ls_R_factor_R_free_error                 ? 
_refine.ls_R_factor_R_free_error_details         ? 
_refine.ls_R_factor_R_work                       0.2410 
_refine.ls_R_Fsqd_factor_obs                     ? 
_refine.ls_R_I_factor_obs                        ? 
_refine.ls_redundancy_reflns_all                 ? 
_refine.ls_redundancy_reflns_obs                 ? 
_refine.ls_restrained_S_all                      ? 
_refine.ls_restrained_S_obs                      ? 
_refine.ls_shift_over_esd_max                    ? 
_refine.ls_shift_over_esd_mean                   ? 
_refine.ls_structure_factor_coef                 ? 
_refine.ls_weighting_details                     ? 
_refine.ls_weighting_scheme                      ? 
_refine.ls_wR_factor_all                         ? 
_refine.ls_wR_factor_obs                         ? 
_refine.ls_wR_factor_R_free                      ? 
_refine.ls_wR_factor_R_work                      ? 
_refine.occupancy_max                            ? 
_refine.occupancy_min                            ? 
_refine.solvent_model_details                    ? 
_refine.solvent_model_param_bsol                 ? 
_refine.solvent_model_param_ksol                 ? 
_refine.ls_R_factor_gt                           ? 
_refine.ls_goodness_of_fit_gt                    ? 
_refine.ls_goodness_of_fit_ref                   ? 
_refine.ls_shift_over_su_max                     ? 
_refine.ls_shift_over_su_max_lt                  ? 
_refine.ls_shift_over_su_mean                    ? 
_refine.ls_shift_over_su_mean_lt                 ? 
_refine.pdbx_ls_sigma_I                          ? 
_refine.pdbx_ls_sigma_F                          1.420 
_refine.pdbx_ls_sigma_Fsqd                       ? 
_refine.pdbx_data_cutoff_high_absF               ? 
_refine.pdbx_data_cutoff_high_rms_absF           ? 
_refine.pdbx_data_cutoff_low_absF                ? 
_refine.pdbx_isotropic_thermal_model             ? 
_refine.pdbx_ls_cross_valid_method               'FREE R-VALUE' 
_refine.pdbx_method_to_determine_struct          'MOLECULAR REPLACEMENT' 
_refine.pdbx_starting_model                      1KNE 
_refine.pdbx_stereochemistry_target_values       ? 
_refine.pdbx_R_Free_selection_details            ? 
_refine.pdbx_stereochem_target_val_spec_case     ? 
_refine.pdbx_overall_ESU_R                       ? 
_refine.pdbx_overall_ESU_R_Free                  ? 
_refine.pdbx_solvent_vdw_probe_radii             1.1100 
_refine.pdbx_solvent_ion_probe_radii             ? 
_refine.pdbx_solvent_shrinkage_radii             0.9000 
_refine.pdbx_real_space_R                        ? 
_refine.pdbx_density_correlation                 ? 
_refine.pdbx_pd_number_of_powder_patterns        ? 
_refine.pdbx_pd_number_of_points                 ? 
_refine.pdbx_pd_meas_number_of_points            ? 
_refine.pdbx_pd_proc_ls_prof_R_factor            ? 
_refine.pdbx_pd_proc_ls_prof_wR_factor           ? 
_refine.pdbx_pd_Marquardt_correlation_coeff      ? 
_refine.pdbx_pd_Fsqrd_R_factor                   ? 
_refine.pdbx_pd_ls_matrix_band_width             ? 
_refine.pdbx_overall_phase_error                 39.0100 
_refine.pdbx_overall_SU_R_free_Cruickshank_DPI   ? 
_refine.pdbx_overall_SU_R_free_Blow_DPI          ? 
_refine.pdbx_overall_SU_R_Blow_DPI               ? 
_refine.pdbx_TLS_residual_ADP_flag               ? 
_refine.pdbx_diffrn_id                           1 
_refine.overall_SU_B                             ? 
_refine.overall_SU_ML                            0.5300 
_refine.overall_SU_R_Cruickshank_DPI             ? 
_refine.overall_SU_R_free                        ? 
_refine.overall_FOM_free_R_set                   ? 
_refine.overall_FOM_work_R_set                   ? 
_refine.pdbx_average_fsc_overall                 ? 
_refine.pdbx_average_fsc_work                    ? 
_refine.pdbx_average_fsc_free                    ? 
# 
_refine_hist.cycle_id                         final 
_refine_hist.pdbx_refine_id                   'X-RAY DIFFRACTION' 
_refine_hist.d_res_high                       1.2850 
_refine_hist.d_res_low                        11.2240 
_refine_hist.pdbx_number_atoms_ligand         0 
_refine_hist.number_atoms_solvent             40 
_refine_hist.number_atoms_total               551 
_refine_hist.pdbx_number_residues_total       59 
_refine_hist.pdbx_B_iso_mean_solvent          37.51 
_refine_hist.pdbx_number_atoms_protein        511 
_refine_hist.pdbx_number_atoms_nucleic_acid   0 
# 
loop_
_refine_ls_restr.pdbx_refine_id 
_refine_ls_restr.criterion 
_refine_ls_restr.dev_ideal 
_refine_ls_restr.dev_ideal_target 
_refine_ls_restr.number 
_refine_ls_restr.rejects 
_refine_ls_restr.type 
_refine_ls_restr.weight 
_refine_ls_restr.pdbx_restraint_function 
'X-RAY DIFFRACTION' ? 0.004  ? 551 ? f_bond_d           ? ? 
'X-RAY DIFFRACTION' ? 0.751  ? 747 ? f_angle_d          ? ? 
'X-RAY DIFFRACTION' ? 0.074  ? 74  ? f_chiral_restr     ? ? 
'X-RAY DIFFRACTION' ? 0.004  ? 98  ? f_plane_restr      ? ? 
'X-RAY DIFFRACTION' ? 21.256 ? 217 ? f_dihedral_angle_d ? ? 
# 
loop_
_refine_ls_shell.pdbx_refine_id 
_refine_ls_shell.d_res_high 
_refine_ls_shell.d_res_low 
_refine_ls_shell.number_reflns_all 
_refine_ls_shell.number_reflns_obs 
_refine_ls_shell.number_reflns_R_free 
_refine_ls_shell.number_reflns_R_work 
_refine_ls_shell.percent_reflns_obs 
_refine_ls_shell.percent_reflns_R_free 
_refine_ls_shell.R_factor_all 
_refine_ls_shell.R_factor_obs 
_refine_ls_shell.R_factor_R_free 
_refine_ls_shell.R_factor_R_free_error 
_refine_ls_shell.R_factor_R_work 
_refine_ls_shell.redundancy_reflns_all 
_refine_ls_shell.redundancy_reflns_obs 
_refine_ls_shell.wR_factor_all 
_refine_ls_shell.wR_factor_obs 
_refine_ls_shell.wR_factor_R_free 
_refine_ls_shell.wR_factor_R_work 
_refine_ls_shell.pdbx_total_number_of_bins_used 
_refine_ls_shell.pdbx_phase_error 
_refine_ls_shell.pdbx_fsc_work 
_refine_ls_shell.pdbx_fsc_free 
'X-RAY DIFFRACTION' 1.2845 1.3359  2697 . 135 2562 94.0000 . . . 0.4870 . 0.5129 . . . . . . 9 . . . 
'X-RAY DIFFRACTION' 1.3359 1.3966  2727 . 136 2591 95.0000 . . . 0.4177 . 0.4590 . . . . . . 9 . . . 
'X-RAY DIFFRACTION' 1.3966 1.4700  2752 . 143 2609 96.0000 . . . 0.3904 . 0.4086 . . . . . . 9 . . . 
'X-RAY DIFFRACTION' 1.4700 1.5619  2841 . 155 2686 97.0000 . . . 0.3110 . 0.3566 . . . . . . 9 . . . 
'X-RAY DIFFRACTION' 1.5619 1.6821  2822 . 138 2684 98.0000 . . . 0.2668 . 0.2839 . . . . . . 9 . . . 
'X-RAY DIFFRACTION' 1.6821 1.8507  2869 . 165 2704 99.0000 . . . 0.2526 . 0.2270 . . . . . . 9 . . . 
'X-RAY DIFFRACTION' 1.8507 2.1170  2873 . 141 2732 98.0000 . . . 0.2032 . 0.1987 . . . . . . 9 . . . 
'X-RAY DIFFRACTION' 2.1170 2.6613  2901 . 149 2752 98.0000 . . . 0.2363 . 0.2180 . . . . . . 9 . . . 
'X-RAY DIFFRACTION' 2.6613 11.2242 2947 . 129 2818 96.0000 . . . 0.2403 . 0.2045 . . . . . . 9 . . . 
# 
_struct.entry_id                     6AT0 
_struct.title                        
'Chromodomain HP1 with a p-nitro-L-phenylalanine mutation at position 24 bound to histone H3 peptide containing trimethyl lysine' 
_struct.pdbx_model_details           ? 
_struct.pdbx_formula_weight          ? 
_struct.pdbx_formula_weight_method   ? 
_struct.pdbx_model_type_details      ? 
_struct.pdbx_CASP_flag               N 
# 
_struct_keywords.entry_id        6AT0 
_struct_keywords.text            'histone reader, TRANSCRIPTION' 
_struct_keywords.pdbx_keywords   TRANSCRIPTION 
# 
loop_
_struct_asym.id 
_struct_asym.pdbx_blank_PDB_chainid_flag 
_struct_asym.pdbx_modified 
_struct_asym.entity_id 
_struct_asym.details 
A N N 1 ? 
B N N 2 ? 
C N N 3 ? 
D N N 3 ? 
# 
loop_
_struct_conf.conf_type_id 
_struct_conf.id 
_struct_conf.pdbx_PDB_helix_id 
_struct_conf.beg_label_comp_id 
_struct_conf.beg_label_asym_id 
_struct_conf.beg_label_seq_id 
_struct_conf.pdbx_beg_PDB_ins_code 
_struct_conf.end_label_comp_id 
_struct_conf.end_label_asym_id 
_struct_conf.end_label_seq_id 
_struct_conf.pdbx_end_PDB_ins_code 
_struct_conf.beg_auth_comp_id 
_struct_conf.beg_auth_asym_id 
_struct_conf.beg_auth_seq_id 
_struct_conf.end_auth_comp_id 
_struct_conf.end_auth_asym_id 
_struct_conf.end_auth_seq_id 
_struct_conf.pdbx_PDB_helix_class 
_struct_conf.details 
_struct_conf.pdbx_PDB_helix_length 
HELX_P HELX_P1 AA1 PRO A 42 ? ASN A 46 ? PRO A 49 ASN A 53 5 ? 5  
HELX_P HELX_P2 AA2 CYS A 56 ? ARG A 67 ? CYS A 63 ARG A 74 1 ? 12 
# 
_struct_conf_type.id          HELX_P 
_struct_conf_type.criteria    ? 
_struct_conf_type.reference   ? 
# 
loop_
_struct_conn.id 
_struct_conn.conn_type_id 
_struct_conn.pdbx_leaving_atom_flag 
_struct_conn.pdbx_PDB_id 
_struct_conn.ptnr1_label_asym_id 
_struct_conn.ptnr1_label_comp_id 
_struct_conn.ptnr1_label_seq_id 
_struct_conn.ptnr1_label_atom_id 
_struct_conn.pdbx_ptnr1_label_alt_id 
_struct_conn.pdbx_ptnr1_PDB_ins_code 
_struct_conn.pdbx_ptnr1_standard_comp_id 
_struct_conn.ptnr1_symmetry 
_struct_conn.ptnr2_label_asym_id 
_struct_conn.ptnr2_label_comp_id 
_struct_conn.ptnr2_label_seq_id 
_struct_conn.ptnr2_label_atom_id 
_struct_conn.pdbx_ptnr2_label_alt_id 
_struct_conn.pdbx_ptnr2_PDB_ins_code 
_struct_conn.ptnr1_auth_asym_id 
_struct_conn.ptnr1_auth_comp_id 
_struct_conn.ptnr1_auth_seq_id 
_struct_conn.ptnr2_auth_asym_id 
_struct_conn.ptnr2_auth_comp_id 
_struct_conn.ptnr2_auth_seq_id 
_struct_conn.ptnr2_symmetry 
_struct_conn.pdbx_ptnr3_label_atom_id 
_struct_conn.pdbx_ptnr3_label_seq_id 
_struct_conn.pdbx_ptnr3_label_comp_id 
_struct_conn.pdbx_ptnr3_label_asym_id 
_struct_conn.pdbx_ptnr3_label_alt_id 
_struct_conn.pdbx_ptnr3_PDB_ins_code 
_struct_conn.details 
_struct_conn.pdbx_dist_value 
_struct_conn.pdbx_value_order 
_struct_conn.pdbx_role 
covale1 covale both ? A GLU 16 C ? ? ? 1_555 A PPN 17 N ? ? A GLU 23 A PPN 24 1_555 ? ? ? ? ? ? ? 1.330 ? ? 
covale2 covale both ? A PPN 17 C ? ? ? 1_555 A ALA 18 N ? ? A PPN 24 A ALA 25 1_555 ? ? ? ? ? ? ? 1.331 ? ? 
covale3 covale both ? B ARG 4  C ? ? ? 1_555 B M3L 5  N ? ? P ARG 8  P M3L 9  1_555 ? ? ? ? ? ? ? 1.329 ? ? 
covale4 covale both ? B M3L 5  C ? ? ? 1_555 B SER 6  N A ? P M3L 9  P SER 10 1_555 ? ? ? ? ? ? ? 1.329 ? ? 
covale5 covale both ? B M3L 5  C ? ? ? 1_555 B SER 6  N B ? P M3L 9  P SER 10 1_555 ? ? ? ? ? ? ? 1.329 ? ? 
# 
_struct_conn_type.id          covale 
_struct_conn_type.criteria    ? 
_struct_conn_type.reference   ? 
# 
_struct_sheet.id               AA1 
_struct_sheet.type             ? 
_struct_sheet.number_strands   5 
_struct_sheet.details          ? 
# 
loop_
_struct_sheet_order.sheet_id 
_struct_sheet_order.range_id_1 
_struct_sheet_order.range_id_2 
_struct_sheet_order.offset 
_struct_sheet_order.sense 
AA1 1 2 ? anti-parallel 
AA1 2 3 ? anti-parallel 
AA1 3 4 ? anti-parallel 
AA1 4 5 ? anti-parallel 
# 
loop_
_struct_sheet_range.sheet_id 
_struct_sheet_range.id 
_struct_sheet_range.beg_label_comp_id 
_struct_sheet_range.beg_label_asym_id 
_struct_sheet_range.beg_label_seq_id 
_struct_sheet_range.pdbx_beg_PDB_ins_code 
_struct_sheet_range.end_label_comp_id 
_struct_sheet_range.end_label_asym_id 
_struct_sheet_range.end_label_seq_id 
_struct_sheet_range.pdbx_end_PDB_ins_code 
_struct_sheet_range.beg_auth_comp_id 
_struct_sheet_range.beg_auth_asym_id 
_struct_sheet_range.beg_auth_seq_id 
_struct_sheet_range.end_auth_comp_id 
_struct_sheet_range.end_auth_asym_id 
_struct_sheet_range.end_auth_seq_id 
AA1 1 THR A 47 ? PRO A 50 ? THR A 54 PRO A 57 
AA1 2 MET A 31 ? TRP A 38 ? MET A 38 TRP A 45 
AA1 3 GLU A 16 ? ARG A 28 ? GLU A 23 ARG A 35 
AA1 4 THR B 2  ? ARG B 4  ? THR P 6  ARG P 8  
AA1 5 LEU A 54 ? ASP A 55 ? LEU A 61 ASP A 62 
# 
loop_
_pdbx_struct_sheet_hbond.sheet_id 
_pdbx_struct_sheet_hbond.range_id_1 
_pdbx_struct_sheet_hbond.range_id_2 
_pdbx_struct_sheet_hbond.range_1_label_atom_id 
_pdbx_struct_sheet_hbond.range_1_label_comp_id 
_pdbx_struct_sheet_hbond.range_1_label_asym_id 
_pdbx_struct_sheet_hbond.range_1_label_seq_id 
_pdbx_struct_sheet_hbond.range_1_PDB_ins_code 
_pdbx_struct_sheet_hbond.range_1_auth_atom_id 
_pdbx_struct_sheet_hbond.range_1_auth_comp_id 
_pdbx_struct_sheet_hbond.range_1_auth_asym_id 
_pdbx_struct_sheet_hbond.range_1_auth_seq_id 
_pdbx_struct_sheet_hbond.range_2_label_atom_id 
_pdbx_struct_sheet_hbond.range_2_label_comp_id 
_pdbx_struct_sheet_hbond.range_2_label_asym_id 
_pdbx_struct_sheet_hbond.range_2_label_seq_id 
_pdbx_struct_sheet_hbond.range_2_PDB_ins_code 
_pdbx_struct_sheet_hbond.range_2_auth_atom_id 
_pdbx_struct_sheet_hbond.range_2_auth_comp_id 
_pdbx_struct_sheet_hbond.range_2_auth_asym_id 
_pdbx_struct_sheet_hbond.range_2_auth_seq_id 
AA1 1 2 O THR A 47 ? O THR A 54 N LEU A 36 ? N LEU A 43 
AA1 2 3 O TYR A 35 ? O TYR A 42 N ILE A 23 ? N ILE A 30 
AA1 3 4 N PPN A 17 ? N PPN A 24 O ALA B 3  ? O ALA P 7  
AA1 4 5 O THR B 2  ? O THR P 6  N ASP A 55 ? N ASP A 62 
# 
_atom_sites.entry_id                    6AT0 
_atom_sites.fract_transf_matrix[1][1]   -0.00826576 
_atom_sites.fract_transf_matrix[1][2]   0.02761456 
_atom_sites.fract_transf_matrix[1][3]   -0.00364781 
_atom_sites.fract_transf_matrix[2][1]   -0.00397438 
_atom_sites.fract_transf_matrix[2][2]   -0.00278434 
_atom_sites.fract_transf_matrix[2][3]   -0.01207219 
_atom_sites.fract_transf_matrix[3][1]   -0.01188143 
_atom_sites.fract_transf_matrix[3][2]   -0.00294984 
_atom_sites.fract_transf_matrix[3][3]   0.00459193 
_atom_sites.fract_transf_vector[1]      -0.315034 
_atom_sites.fract_transf_vector[2]      -0.133376 
_atom_sites.fract_transf_vector[3]      0.063944 
# 
loop_
_atom_type.symbol 
C 
N 
O 
S 
# 
loop_
_atom_site.group_PDB 
_atom_site.id 
_atom_site.type_symbol 
_atom_site.label_atom_id 
_atom_site.label_alt_id 
_atom_site.label_comp_id 
_atom_site.label_asym_id 
_atom_site.label_entity_id 
_atom_site.label_seq_id 
_atom_site.pdbx_PDB_ins_code 
_atom_site.Cartn_x 
_atom_site.Cartn_y 
_atom_site.Cartn_z 
_atom_site.occupancy 
_atom_site.B_iso_or_equiv 
_atom_site.pdbx_formal_charge 
_atom_site.auth_seq_id 
_atom_site.auth_comp_id 
_atom_site.auth_asym_id 
_atom_site.auth_atom_id 
_atom_site.pdbx_PDB_model_num 
ATOM   1   N N   . GLU A 1 15 ? 1.584   -11.904 9.333   1.00 54.59 ? 22  GLU A N   1 
ATOM   2   C CA  . GLU A 1 15 ? 0.531   -10.959 8.977   1.00 35.83 ? 22  GLU A CA  1 
ATOM   3   C C   . GLU A 1 15 ? 0.822   -10.208 7.677   1.00 35.38 ? 22  GLU A C   1 
ATOM   4   O O   . GLU A 1 15 ? 0.531   -9.012  7.565   1.00 30.37 ? 22  GLU A O   1 
ATOM   5   C CB  . GLU A 1 15 ? 0.277   -9.969  10.118  1.00 43.89 ? 22  GLU A CB  1 
ATOM   6   C CG  . GLU A 1 15 ? 1.511   -9.622  10.936  1.00 67.70 ? 22  GLU A CG  1 
ATOM   7   C CD  . GLU A 1 15 ? 1.210   -8.629  12.046  1.00 65.46 ? 22  GLU A CD  1 
ATOM   8   O OE1 . GLU A 1 15 ? 1.285   -7.408  11.781  1.00 53.81 ? 22  GLU A OE1 1 
ATOM   9   O OE2 . GLU A 1 15 ? 0.898   -9.076  13.174  1.00 70.26 ? 22  GLU A OE2 1 
ATOM   10  N N   . GLU A 1 16 ? 1.394   -10.917 6.707   1.00 32.86 ? 23  GLU A N   1 
ATOM   11  C CA  . GLU A 1 16 ? 1.543   -10.401 5.346   1.00 27.78 ? 23  GLU A CA  1 
ATOM   12  C C   . GLU A 1 16 ? 0.377   -10.880 4.487   1.00 31.80 ? 23  GLU A C   1 
ATOM   13  O O   . GLU A 1 16 ? -0.065  -12.025 4.609   1.00 31.28 ? 23  GLU A O   1 
ATOM   14  C CB  . GLU A 1 16 ? 2.851   -10.882 4.726   1.00 38.62 ? 23  GLU A CB  1 
ATOM   15  C CG  . GLU A 1 16 ? 4.087   -10.141 5.200   1.00 42.24 ? 23  GLU A CG  1 
ATOM   16  C CD  . GLU A 1 16 ? 5.363   -10.817 4.742   1.00 66.11 ? 23  GLU A CD  1 
ATOM   17  O OE1 . GLU A 1 16 ? 5.624   -11.952 5.192   1.00 69.27 ? 23  GLU A OE1 1 
ATOM   18  O OE2 . GLU A 1 16 ? 6.096   -10.222 3.923   1.00 67.07 ? 23  GLU A OE2 1 
HETATM 19  N N   . PPN A 1 17 ? -0.109  -10.011 3.606   1.00 25.36 ? 24  PPN A N   1 
HETATM 20  C CA  . PPN A 1 17 ? -1.268  -10.332 2.800   1.00 20.89 ? 24  PPN A CA  1 
HETATM 21  C C   . PPN A 1 17 ? -1.070  -9.810  1.392   1.00 21.19 ? 24  PPN A C   1 
HETATM 22  O O   . PPN A 1 17 ? -0.338  -8.865  1.125   1.00 21.01 ? 24  PPN A O   1 
HETATM 23  C CB  . PPN A 1 17 ? -2.570  -9.679  3.295   1.00 20.36 ? 24  PPN A CB  1 
HETATM 24  C CG  . PPN A 1 17 ? -2.931  -10.076 4.680   1.00 21.81 ? 24  PPN A CG  1 
HETATM 25  C CD1 . PPN A 1 17 ? -3.826  -11.131 4.877   1.00 27.90 ? 24  PPN A CD1 1 
HETATM 26  C CD2 . PPN A 1 17 ? -2.392  -9.409  5.792   1.00 24.01 ? 24  PPN A CD2 1 
HETATM 27  C CE1 . PPN A 1 17 ? -4.191  -11.531 6.157   1.00 30.29 ? 24  PPN A CE1 1 
HETATM 28  C CE2 . PPN A 1 17 ? -2.743  -9.794  7.085   1.00 33.12 ? 24  PPN A CE2 1 
HETATM 29  C CZ  . PPN A 1 17 ? -3.646  -10.860 7.258   1.00 34.06 ? 24  PPN A CZ  1 
HETATM 30  N N1  . PPN A 1 17 ? -4.045  -11.294 8.624   1.00 54.86 ? 24  PPN A N1  1 
HETATM 31  O O1  . PPN A 1 17 ? -3.787  -10.588 9.563   1.00 66.34 ? 24  PPN A O1  1 
HETATM 32  O O2  . PPN A 1 17 ? -4.623  -12.343 8.751   1.00 70.18 ? 24  PPN A O2  1 
ATOM   33  N N   . ALA A 1 18 ? -1.769  -10.448 0.455   1.00 22.04 ? 25  ALA A N   1 
ATOM   34  C CA  . ALA A 1 18 ? -1.711  -10.062 -0.954  1.00 18.45 ? 25  ALA A CA  1 
ATOM   35  C C   . ALA A 1 18 ? -2.347  -8.694  -1.223  1.00 21.45 ? 25  ALA A C   1 
ATOM   36  O O   . ALA A 1 18 ? -3.470  -8.410  -0.780  1.00 20.57 ? 25  ALA A O   1 
ATOM   37  C CB  . ALA A 1 18 ? -2.353  -11.139 -1.826  1.00 22.63 ? 25  ALA A CB  1 
ATOM   38  N N   . VAL A 1 19 ? -1.620  -7.853  -1.959  1.00 17.15 ? 26  VAL A N   1 
ATOM   39  C CA  . VAL A 1 19 ? -2.067  -6.510  -2.316  1.00 16.09 ? 26  VAL A CA  1 
ATOM   40  C C   . VAL A 1 19 ? -2.600  -6.539  -3.739  1.00 20.02 ? 26  VAL A C   1 
ATOM   41  O O   . VAL A 1 19 ? -1.930  -7.044  -4.652  1.00 20.65 ? 26  VAL A O   1 
ATOM   42  C CB  . VAL A 1 19 ? -0.916  -5.496  -2.198  1.00 16.76 ? 26  VAL A CB  1 
ATOM   43  C CG1 . VAL A 1 19 ? -1.378  -4.085  -2.597  1.00 18.81 ? 26  VAL A CG1 1 
ATOM   44  C CG2 . VAL A 1 19 ? -0.353  -5.507  -0.780  1.00 19.59 ? 26  VAL A CG2 1 
ATOM   45  N N   . GLU A 1 20 ? -3.804  -5.993  -3.930  1.00 17.92 ? 27  GLU A N   1 
ATOM   46  C CA  . GLU A 1 20 ? -4.381  -5.867  -5.265  1.00 19.00 ? 27  GLU A CA  1 
ATOM   47  C C   . GLU A 1 20 ? -3.856  -4.631  -5.998  1.00 17.89 ? 27  GLU A C   1 
ATOM   48  O O   . GLU A 1 20 ? -3.386  -4.734  -7.140  1.00 19.37 ? 27  GLU A O   1 
ATOM   49  C CB  . GLU A 1 20 ? -5.906  -5.840  -5.166  1.00 18.49 ? 27  GLU A CB  1 
ATOM   50  C CG  . GLU A 1 20 ? -6.610  -5.729  -6.511  1.00 20.24 ? 27  GLU A CG  1 
ATOM   51  C CD  . GLU A 1 20 ? -8.123  -5.704  -6.374  1.00 35.76 ? 27  GLU A CD  1 
ATOM   52  O OE1 . GLU A 1 20 ? -8.652  -6.283  -5.400  1.00 24.83 ? 27  GLU A OE1 1 
ATOM   53  O OE2 . GLU A 1 20 ? -8.784  -5.092  -7.239  1.00 34.50 ? 27  GLU A OE2 1 
ATOM   54  N N   . LYS A 1 21 ? -3.919  -3.457  -5.362  1.00 17.75 ? 28  LYS A N   1 
ATOM   55  C CA  . LYS A 1 21 ? -3.484  -2.225  -6.013  1.00 18.09 ? 28  LYS A CA  1 
ATOM   56  C C   . LYS A 1 21 ? -3.240  -1.140  -4.972  1.00 18.01 ? 28  LYS A C   1 
ATOM   57  O O   . LYS A 1 21 ? -3.773  -1.181  -3.856  1.00 17.75 ? 28  LYS A O   1 
ATOM   58  C CB  . LYS A 1 21 ? -4.513  -1.724  -7.036  1.00 20.59 ? 28  LYS A CB  1 
ATOM   59  C CG  . LYS A 1 21 ? -5.865  -1.391  -6.431  1.00 25.50 ? 28  LYS A CG  1 
ATOM   60  C CD  . LYS A 1 21 ? -6.879  -0.944  -7.489  1.00 34.46 ? 28  LYS A CD  1 
ATOM   61  C CE  . LYS A 1 21 ? -8.292  -0.966  -6.919  1.00 39.99 ? 28  LYS A CE  1 
ATOM   62  N NZ  . LYS A 1 21 ? -9.284  -0.285  -7.802  1.00 40.02 ? 28  LYS A NZ  1 
ATOM   63  N N   . ILE A 1 22 ? -2.442  -0.152  -5.372  1.00 17.70 ? 29  ILE A N   1 
ATOM   64  C CA  . ILE A 1 22 ? -2.225  1.061   -4.587  1.00 16.01 ? 29  ILE A CA  1 
ATOM   65  C C   . ILE A 1 22 ? -3.225  2.122   -5.042  1.00 20.25 ? 29  ILE A C   1 
ATOM   66  O O   . ILE A 1 22 ? -3.260  2.495   -6.219  1.00 20.45 ? 29  ILE A O   1 
ATOM   67  C CB  . ILE A 1 22 ? -0.786  1.568   -4.747  1.00 17.46 ? 29  ILE A CB  1 
ATOM   68  C CG1 . ILE A 1 22 ? 0.206   0.522   -4.213  1.00 17.18 ? 29  ILE A CG1 1 
ATOM   69  C CG2 . ILE A 1 22 ? -0.616  2.918   -4.035  1.00 18.01 ? 29  ILE A CG2 1 
ATOM   70  C CD1 . ILE A 1 22 ? 1.662   0.886   -4.475  1.00 17.59 ? 29  ILE A CD1 1 
ATOM   71  N N   A ILE A 1 23 ? -4.027  2.610   -4.093  0.50 15.90 ? 30  ILE A N   1 
ATOM   72  N N   B ILE A 1 23 ? -4.036  2.613   -4.110  0.50 15.82 ? 30  ILE A N   1 
ATOM   73  C CA  A ILE A 1 23 ? -5.074  3.596   -4.355  0.50 19.16 ? 30  ILE A CA  1 
ATOM   74  C CA  B ILE A 1 23 ? -5.039  3.620   -4.447  0.50 18.92 ? 30  ILE A CA  1 
ATOM   75  C C   A ILE A 1 23 ? -4.549  5.023   -4.269  0.50 22.95 ? 30  ILE A C   1 
ATOM   76  C C   B ILE A 1 23 ? -4.494  5.037   -4.321  0.50 23.13 ? 30  ILE A C   1 
ATOM   77  O O   A ILE A 1 23 ? -4.957  5.887   -5.051  0.50 21.72 ? 30  ILE A O   1 
ATOM   78  O O   B ILE A 1 23 ? -4.820  5.908   -5.133  0.50 22.91 ? 30  ILE A O   1 
ATOM   79  C CB  A ILE A 1 23 ? -6.237  3.373   -3.366  0.50 21.34 ? 30  ILE A CB  1 
ATOM   80  C CB  B ILE A 1 23 ? -6.302  3.413   -3.591  0.50 22.43 ? 30  ILE A CB  1 
ATOM   81  C CG1 A ILE A 1 23 ? -6.779  1.952   -3.491  0.50 27.75 ? 30  ILE A CG1 1 
ATOM   82  C CG1 B ILE A 1 23 ? -6.936  2.063   -3.911  0.50 21.87 ? 30  ILE A CG1 1 
ATOM   83  C CG2 A ILE A 1 23 ? -7.344  4.397   -3.594  0.50 24.63 ? 30  ILE A CG2 1 
ATOM   84  C CG2 B ILE A 1 23 ? -7.296  4.547   -3.808  0.50 22.38 ? 30  ILE A CG2 1 
ATOM   85  C CD1 A ILE A 1 23 ? -7.314  1.651   -4.855  0.50 30.24 ? 30  ILE A CD1 1 
ATOM   86  C CD1 B ILE A 1 23 ? -8.054  1.703   -2.988  0.50 28.28 ? 30  ILE A CD1 1 
ATOM   87  N N   . ASP A 1 24 ? -3.662  5.303   -3.318  1.00 17.45 ? 31  ASP A N   1 
ATOM   88  C CA  . ASP A 1 24 ? -3.251  6.671   -3.030  1.00 22.06 ? 31  ASP A CA  1 
ATOM   89  C C   . ASP A 1 24 ? -1.957  6.637   -2.232  1.00 19.57 ? 31  ASP A C   1 
ATOM   90  O O   . ASP A 1 24 ? -1.532  5.588   -1.746  1.00 19.62 ? 31  ASP A O   1 
ATOM   91  C CB  . ASP A 1 24 ? -4.352  7.403   -2.249  1.00 22.50 ? 31  ASP A CB  1 
ATOM   92  C CG  . ASP A 1 24 ? -4.227  8.913   -2.325  1.00 33.26 ? 31  ASP A CG  1 
ATOM   93  O OD1 . ASP A 1 24 ? -3.339  9.412   -3.042  1.00 27.73 ? 31  ASP A OD1 1 
ATOM   94  O OD2 . ASP A 1 24 ? -5.030  9.605   -1.664  1.00 41.20 ? 31  ASP A OD2 1 
ATOM   95  N N   . ARG A 1 25 ? -1.346  7.813   -2.088  1.00 22.15 ? 32  ARG A N   1 
ATOM   96  C CA  . ARG A 1 25 ? -0.094  7.976   -1.366  1.00 19.91 ? 32  ARG A CA  1 
ATOM   97  C C   . ARG A 1 25 ? -0.165  9.269   -0.566  1.00 18.94 ? 32  ARG A C   1 
ATOM   98  O O   . ARG A 1 25 ? -0.753  10.257  -1.019  1.00 25.02 ? 32  ARG A O   1 
ATOM   99  C CB  . ARG A 1 25 ? 1.074   8.044   -2.357  1.00 23.99 ? 32  ARG A CB  1 
ATOM   100 C CG  . ARG A 1 25 ? 2.437   8.333   -1.764  1.00 21.50 ? 32  ARG A CG  1 
ATOM   101 C CD  . ARG A 1 25 ? 3.396   8.730   -2.887  1.00 31.19 ? 32  ARG A CD  1 
ATOM   102 N NE  . ARG A 1 25 ? 4.751   9.003   -2.417  1.00 45.79 ? 32  ARG A NE  1 
ATOM   103 C CZ  . ARG A 1 25 ? 5.150   10.166  -1.911  1.00 45.81 ? 32  ARG A CZ  1 
ATOM   104 N NH1 . ARG A 1 25 ? 4.295   11.174  -1.797  1.00 51.19 ? 32  ARG A NH1 1 
ATOM   105 N NH2 . ARG A 1 25 ? 6.407   10.319  -1.514  1.00 51.15 ? 32  ARG A NH2 1 
ATOM   106 N N   . ARG A 1 26 ? 0.417   9.251   0.630   1.00 18.05 ? 33  ARG A N   1 
ATOM   107 C CA  . ARG A 1 26 ? 0.479   10.448  1.456   1.00 21.77 ? 33  ARG A CA  1 
ATOM   108 C C   . ARG A 1 26 ? 1.754   10.413  2.283   1.00 22.83 ? 33  ARG A C   1 
ATOM   109 O O   . ARG A 1 26 ? 2.419   9.378   2.400   1.00 20.08 ? 33  ARG A O   1 
ATOM   110 C CB  . ARG A 1 26 ? -0.738  10.551  2.382   1.00 21.93 ? 33  ARG A CB  1 
ATOM   111 C CG  . ARG A 1 26 ? -0.697  9.612   3.577   1.00 23.19 ? 33  ARG A CG  1 
ATOM   112 C CD  . ARG A 1 26 ? -2.008  9.630   4.362   1.00 20.46 ? 33  ARG A CD  1 
ATOM   113 N NE  . ARG A 1 26 ? -1.971  8.714   5.500   1.00 20.73 ? 33  ARG A NE  1 
ATOM   114 C CZ  . ARG A 1 26 ? -3.000  8.461   6.308   1.00 21.11 ? 33  ARG A CZ  1 
ATOM   115 N NH1 . ARG A 1 26 ? -4.169  9.055   6.114   1.00 29.49 ? 33  ARG A NH1 1 
ATOM   116 N NH2 . ARG A 1 26 ? -2.858  7.600   7.306   1.00 27.62 ? 33  ARG A NH2 1 
ATOM   117 N N   . VAL A 1 27 ? 2.102   11.567  2.843   1.00 23.51 ? 34  VAL A N   1 
ATOM   118 C CA  . VAL A 1 27 ? 3.137   11.667  3.862   1.00 21.76 ? 34  VAL A CA  1 
ATOM   119 C C   . VAL A 1 27 ? 2.459   12.024  5.173   1.00 19.96 ? 34  VAL A C   1 
ATOM   120 O O   . VAL A 1 27 ? 1.653   12.962  5.228   1.00 24.13 ? 34  VAL A O   1 
ATOM   121 C CB  . VAL A 1 27 ? 4.220   12.692  3.487   1.00 20.87 ? 34  VAL A CB  1 
ATOM   122 C CG1 . VAL A 1 27 ? 5.213   12.867  4.642   1.00 23.61 ? 34  VAL A CG1 1 
ATOM   123 C CG2 . VAL A 1 27 ? 4.940   12.245  2.232   1.00 26.65 ? 34  VAL A CG2 1 
ATOM   124 N N   . ARG A 1 28 ? 2.757   11.253  6.216   1.00 19.01 ? 35  ARG A N   1 
ATOM   125 C CA  . ARG A 1 28 ? 2.218   11.489  7.545   1.00 24.03 ? 35  ARG A CA  1 
ATOM   126 C C   . ARG A 1 28 ? 3.342   11.314  8.552   1.00 21.86 ? 35  ARG A C   1 
ATOM   127 O O   . ARG A 1 28 ? 4.028   10.288  8.545   1.00 21.63 ? 35  ARG A O   1 
ATOM   128 C CB  . ARG A 1 28 ? 1.074   10.519  7.858   1.00 25.54 ? 35  ARG A CB  1 
ATOM   129 C CG  . ARG A 1 28 ? 0.362   10.839  9.153   1.00 28.89 ? 35  ARG A CG  1 
ATOM   130 C CD  . ARG A 1 28 ? -0.779  9.876   9.420   1.00 33.18 ? 35  ARG A CD  1 
ATOM   131 N NE  . ARG A 1 28 ? -0.315  8.497   9.533   1.00 46.14 ? 35  ARG A NE  1 
ATOM   132 C CZ  . ARG A 1 28 ? 0.195   7.969   10.640  1.00 57.69 ? 35  ARG A CZ  1 
ATOM   133 N NH1 . ARG A 1 28 ? 0.314   8.705   11.737  1.00 52.76 ? 35  ARG A NH1 1 
ATOM   134 N NH2 . ARG A 1 28 ? 0.589   6.703   10.650  1.00 54.86 ? 35  ARG A NH2 1 
ATOM   135 N N   . LYS A 1 29 ? 3.532   12.318  9.407   1.00 22.38 ? 36  LYS A N   1 
ATOM   136 C CA  . LYS A 1 29 ? 4.616   12.305  10.388  1.00 25.28 ? 36  LYS A CA  1 
ATOM   137 C C   . LYS A 1 29 ? 5.960   12.015  9.727   1.00 20.56 ? 36  LYS A C   1 
ATOM   138 O O   . LYS A 1 29 ? 6.801   11.285  10.259  1.00 27.45 ? 36  LYS A O   1 
ATOM   139 C CB  . LYS A 1 29 ? 4.322   11.350  11.544  1.00 28.25 ? 36  LYS A CB  1 
ATOM   140 C CG  . LYS A 1 29 ? 3.058   11.705  12.305  1.00 35.33 ? 36  LYS A CG  1 
ATOM   141 C CD  . LYS A 1 29 ? 2.920   10.867  13.561  1.00 34.28 ? 36  LYS A CD  1 
ATOM   142 C CE  . LYS A 1 29 ? 1.690   11.263  14.356  1.00 50.62 ? 36  LYS A CE  1 
ATOM   143 N NZ  . LYS A 1 29 ? 1.471   10.360  15.524  1.00 51.33 ? 36  LYS A NZ  1 
ATOM   144 N N   . GLY A 1 30 ? 6.155   12.589  8.541   1.00 21.11 ? 37  GLY A N   1 
ATOM   145 C CA  . GLY A 1 30 ? 7.398   12.453  7.810   1.00 21.97 ? 37  GLY A CA  1 
ATOM   146 C C   . GLY A 1 30 ? 7.641   11.111  7.161   1.00 25.47 ? 37  GLY A C   1 
ATOM   147 O O   . GLY A 1 30 ? 8.755   10.867  6.686   1.00 25.54 ? 37  GLY A O   1 
ATOM   148 N N   A MET A 1 31 ? 6.637   10.238  7.091   0.50 22.13 ? 38  MET A N   1 
ATOM   149 N N   B MET A 1 31 ? 6.641   10.236  7.128   0.50 22.17 ? 38  MET A N   1 
ATOM   150 C CA  A MET A 1 31 ? 6.814   8.899   6.542   0.50 21.77 ? 38  MET A CA  1 
ATOM   151 C CA  B MET A 1 31 ? 6.762   8.910   6.544   0.50 21.86 ? 38  MET A CA  1 
ATOM   152 C C   A MET A 1 31 ? 5.800   8.660   5.435   0.50 23.43 ? 38  MET A C   1 
ATOM   153 C C   B MET A 1 31 ? 5.827   8.810   5.351   0.50 23.57 ? 38  MET A C   1 
ATOM   154 O O   A MET A 1 31 ? 4.611   8.948   5.608   0.50 21.27 ? 38  MET A O   1 
ATOM   155 O O   B MET A 1 31 ? 4.720   9.355   5.373   0.50 23.14 ? 38  MET A O   1 
ATOM   156 C CB  A MET A 1 31 ? 6.639   7.841   7.635   0.50 26.96 ? 38  MET A CB  1 
ATOM   157 C CB  B MET A 1 31 ? 6.366   7.840   7.566   0.50 22.46 ? 38  MET A CB  1 
ATOM   158 C CG  A MET A 1 31 ? 7.474   8.095   8.880   0.50 53.13 ? 38  MET A CG  1 
ATOM   159 C CG  B MET A 1 31 ? 7.223   7.832   8.821   0.50 54.65 ? 38  MET A CG  1 
ATOM   160 S SD  A MET A 1 31 ? 7.649   6.630   9.914   0.50 47.49 ? 38  MET A SD  1 
ATOM   161 S SD  B MET A 1 31 ? 8.871   7.160   8.536   0.50 55.57 ? 38  MET A SD  1 
ATOM   162 C CE  A MET A 1 31 ? 8.662   5.597   8.857   0.50 46.24 ? 38  MET A CE  1 
ATOM   163 C CE  B MET A 1 31 ? 8.578   5.411   8.784   0.50 46.86 ? 38  MET A CE  1 
ATOM   164 N N   . VAL A 1 32 ? 6.272   8.117   4.309   1.00 21.01 ? 39  VAL A N   1 
ATOM   165 C CA  . VAL A 1 32 ? 5.411   7.860   3.158   1.00 18.10 ? 39  VAL A CA  1 
ATOM   166 C C   . VAL A 1 32 ? 4.498   6.680   3.464   1.00 20.15 ? 39  VAL A C   1 
ATOM   167 O O   . VAL A 1 32 ? 4.947   5.640   3.968   1.00 21.17 ? 39  VAL A O   1 
ATOM   168 C CB  . VAL A 1 32 ? 6.254   7.590   1.903   1.00 20.62 ? 39  VAL A CB  1 
ATOM   169 C CG1 . VAL A 1 32 ? 5.359   7.262   0.724   1.00 23.74 ? 39  VAL A CG1 1 
ATOM   170 C CG2 . VAL A 1 32 ? 7.127   8.789   1.585   1.00 26.84 ? 39  VAL A CG2 1 
ATOM   171 N N   . GLU A 1 33 ? 3.207   6.837   3.161   1.00 18.00 ? 40  GLU A N   1 
ATOM   172 C CA  . GLU A 1 33 ? 2.224   5.784   3.349   1.00 17.31 ? 40  GLU A CA  1 
ATOM   173 C C   . GLU A 1 33 ? 1.428   5.592   2.064   1.00 16.08 ? 40  GLU A C   1 
ATOM   174 O O   . GLU A 1 33 ? 1.193   6.537   1.307   1.00 18.69 ? 40  GLU A O   1 
ATOM   175 C CB  . GLU A 1 33 ? 1.273   6.105   4.514   1.00 21.04 ? 40  GLU A CB  1 
ATOM   176 C CG  . GLU A 1 33 ? 1.966   6.165   5.866   1.00 18.58 ? 40  GLU A CG  1 
ATOM   177 C CD  . GLU A 1 33 ? 1.002   6.432   7.003   1.00 29.31 ? 40  GLU A CD  1 
ATOM   178 O OE1 . GLU A 1 33 ? -0.072  7.013   6.743   1.00 28.06 ? 40  GLU A OE1 1 
ATOM   179 O OE2 . GLU A 1 33 ? 1.321   6.054   8.151   1.00 39.43 ? 40  GLU A OE2 1 
ATOM   180 N N   . TYR A 1 34 ? 1.032   4.348   1.809   1.00 16.81 ? 41  TYR A N   1 
ATOM   181 C CA  . TYR A 1 34 ? 0.241   4.001   0.640   1.00 16.99 ? 41  TYR A CA  1 
ATOM   182 C C   . TYR A 1 34 ? -1.093  3.439   1.101   1.00 14.85 ? 41  TYR A C   1 
ATOM   183 O O   . TYR A 1 34 ? -1.154  2.674   2.071   1.00 17.02 ? 41  TYR A O   1 
ATOM   184 C CB  . TYR A 1 34 ? 0.953   2.942   -0.196  1.00 15.33 ? 41  TYR A CB  1 
ATOM   185 C CG  . TYR A 1 34 ? 2.169   3.454   -0.921  1.00 15.16 ? 41  TYR A CG  1 
ATOM   186 C CD1 . TYR A 1 34 ? 2.042   4.232   -2.062  1.00 18.81 ? 41  TYR A CD1 1 
ATOM   187 C CD2 . TYR A 1 34 ? 3.445   3.147   -0.472  1.00 24.29 ? 41  TYR A CD2 1 
ATOM   188 C CE1 . TYR A 1 34 ? 3.160   4.702   -2.732  1.00 19.88 ? 41  TYR A CE1 1 
ATOM   189 C CE2 . TYR A 1 34 ? 4.565   3.608   -1.140  1.00 23.77 ? 41  TYR A CE2 1 
ATOM   190 C CZ  . TYR A 1 34 ? 4.406   4.381   -2.265  1.00 19.32 ? 41  TYR A CZ  1 
ATOM   191 O OH  . TYR A 1 34 ? 5.523   4.840   -2.931  1.00 30.31 ? 41  TYR A OH  1 
ATOM   192 N N   . TYR A 1 35 ? -2.161  3.816   0.403   1.00 15.87 ? 42  TYR A N   1 
ATOM   193 C CA  . TYR A 1 35 ? -3.500  3.326   0.710   1.00 15.48 ? 42  TYR A CA  1 
ATOM   194 C C   . TYR A 1 35 ? -3.752  2.119   -0.182  1.00 15.40 ? 42  TYR A C   1 
ATOM   195 O O   . TYR A 1 35 ? -3.721  2.244   -1.407  1.00 18.35 ? 42  TYR A O   1 
ATOM   196 C CB  . TYR A 1 35 ? -4.521  4.425   0.412   1.00 17.47 ? 42  TYR A CB  1 
ATOM   197 C CG  . TYR A 1 35 ? -5.915  4.179   0.955   1.00 17.57 ? 42  TYR A CG  1 
ATOM   198 C CD1 . TYR A 1 35 ? -6.127  3.934   2.306   1.00 21.53 ? 42  TYR A CD1 1 
ATOM   199 C CD2 . TYR A 1 35 ? -7.024  4.239   0.119   1.00 26.15 ? 42  TYR A CD2 1 
ATOM   200 C CE1 . TYR A 1 35 ? -7.405  3.729   2.807   1.00 25.03 ? 42  TYR A CE1 1 
ATOM   201 C CE2 . TYR A 1 35 ? -8.311  4.034   0.610   1.00 24.62 ? 42  TYR A CE2 1 
ATOM   202 C CZ  . TYR A 1 35 ? -8.492  3.784   1.951   1.00 22.89 ? 42  TYR A CZ  1 
ATOM   203 O OH  . TYR A 1 35 ? -9.771  3.588   2.443   1.00 26.19 ? 42  TYR A OH  1 
ATOM   204 N N   . LEU A 1 36 ? -3.984  0.958   0.428   1.00 14.04 ? 43  LEU A N   1 
ATOM   205 C CA  . LEU A 1 36 ? -3.973  -0.311  -0.287  1.00 15.83 ? 43  LEU A CA  1 
ATOM   206 C C   . LEU A 1 36 ? -5.361  -0.926  -0.357  1.00 14.25 ? 43  LEU A C   1 
ATOM   207 O O   . LEU A 1 36 ? -6.105  -0.925  0.631   1.00 17.29 ? 43  LEU A O   1 
ATOM   208 C CB  . LEU A 1 36 ? -3.054  -1.324  0.404   1.00 15.12 ? 43  LEU A CB  1 
ATOM   209 C CG  . LEU A 1 36 ? -1.611  -0.880  0.626   1.00 15.28 ? 43  LEU A CG  1 
ATOM   210 C CD1 . LEU A 1 36 ? -0.796  -2.031  1.207   1.00 17.76 ? 43  LEU A CD1 1 
ATOM   211 C CD2 . LEU A 1 36 ? -1.007  -0.365  -0.676  1.00 16.96 ? 43  LEU A CD2 1 
ATOM   212 N N   . LYS A 1 37 ? -5.683  -1.490  -1.523  1.00 14.39 ? 44  LYS A N   1 
ATOM   213 C CA  . LYS A 1 37 ? -6.782  -2.436  -1.671  1.00 15.47 ? 44  LYS A CA  1 
ATOM   214 C C   . LYS A 1 37 ? -6.187  -3.833  -1.542  1.00 17.93 ? 44  LYS A C   1 
ATOM   215 O O   . LYS A 1 37 ? -5.243  -4.181  -2.263  1.00 16.32 ? 44  LYS A O   1 
ATOM   216 C CB  . LYS A 1 37 ? -7.460  -2.264  -3.035  1.00 18.47 ? 44  LYS A CB  1 
ATOM   217 C CG  . LYS A 1 37 ? -8.452  -3.369  -3.414  1.00 18.73 ? 44  LYS A CG  1 
ATOM   218 C CD  . LYS A 1 37 ? -9.666  -3.380  -2.491  1.00 21.02 ? 44  LYS A CD  1 
ATOM   219 C CE  . LYS A 1 37 ? -10.771 -4.285  -3.027  1.00 20.11 ? 44  LYS A CE  1 
ATOM   220 N NZ  . LYS A 1 37 ? -10.312 -5.697  -3.160  1.00 18.94 ? 44  LYS A NZ  1 
ATOM   221 N N   . TRP A 1 38 ? -6.709  -4.616  -0.602  1.00 17.26 ? 45  TRP A N   1 
ATOM   222 C CA  . TRP A 1 38 ? -6.196  -5.952  -0.346  1.00 13.75 ? 45  TRP A CA  1 
ATOM   223 C C   . TRP A 1 38 ? -6.931  -6.967  -1.215  1.00 17.29 ? 45  TRP A C   1 
ATOM   224 O O   . TRP A 1 38 ? -8.158  -6.917  -1.343  1.00 17.34 ? 45  TRP A O   1 
ATOM   225 C CB  . TRP A 1 38 ? -6.366  -6.308  1.136   1.00 19.84 ? 45  TRP A CB  1 
ATOM   226 C CG  . TRP A 1 38 ? -5.658  -5.357  2.072   1.00 16.69 ? 45  TRP A CG  1 
ATOM   227 C CD1 . TRP A 1 38 ? -6.201  -4.282  2.722   1.00 20.90 ? 45  TRP A CD1 1 
ATOM   228 C CD2 . TRP A 1 38 ? -4.278  -5.398  2.457   1.00 18.30 ? 45  TRP A CD2 1 
ATOM   229 N NE1 . TRP A 1 38 ? -5.242  -3.655  3.487   1.00 16.55 ? 45  TRP A NE1 1 
ATOM   230 C CE2 . TRP A 1 38 ? -4.054  -4.321  3.340   1.00 16.17 ? 45  TRP A CE2 1 
ATOM   231 C CE3 . TRP A 1 38 ? -3.208  -6.241  2.140   1.00 19.44 ? 45  TRP A CE3 1 
ATOM   232 C CZ2 . TRP A 1 38 ? -2.803  -4.067  3.913   1.00 18.41 ? 45  TRP A CZ2 1 
ATOM   233 C CZ3 . TRP A 1 38 ? -1.966  -5.983  2.706   1.00 19.10 ? 45  TRP A CZ3 1 
ATOM   234 C CH2 . TRP A 1 38 ? -1.774  -4.903  3.577   1.00 17.64 ? 45  TRP A CH2 1 
ATOM   235 N N   . LYS A 1 39 ? -6.173  -7.889  -1.812  1.00 19.30 ? 46  LYS A N   1 
ATOM   236 C CA  . LYS A 1 39 ? -6.763  -8.918  -2.664  1.00 20.00 ? 46  LYS A CA  1 
ATOM   237 C C   . LYS A 1 39 ? -7.755  -9.770  -1.880  1.00 19.67 ? 46  LYS A C   1 
ATOM   238 O O   . LYS A 1 39 ? -7.443  -10.276 -0.799  1.00 20.76 ? 46  LYS A O   1 
ATOM   239 C CB  . LYS A 1 39 ? -5.658  -9.812  -3.223  1.00 20.55 ? 46  LYS A CB  1 
ATOM   240 C CG  . LYS A 1 39 ? -6.124  -10.702 -4.362  1.00 30.41 ? 46  LYS A CG  1 
ATOM   241 C CD  . LYS A 1 39 ? -6.676  -9.860  -5.502  1.00 53.12 ? 46  LYS A CD  1 
ATOM   242 C CE  . LYS A 1 39 ? -7.045  -10.708 -6.711  1.00 72.66 ? 46  LYS A CE  1 
ATOM   243 N NZ  . LYS A 1 39 ? -7.376  -9.859  -7.892  1.00 43.44 ? 46  LYS A NZ  1 
ATOM   244 N N   . GLY A 1 40 ? -8.954  -9.930  -2.433  1.00 17.35 ? 47  GLY A N   1 
ATOM   245 C CA  . GLY A 1 40 ? -9.960  -10.761 -1.804  1.00 22.07 ? 47  GLY A CA  1 
ATOM   246 C C   . GLY A 1 40 ? -10.670 -10.150 -0.614  1.00 25.52 ? 47  GLY A C   1 
ATOM   247 O O   . GLY A 1 40 ? -11.502 -10.833 -0.001  1.00 22.31 ? 47  GLY A O   1 
ATOM   248 N N   . TYR A 1 41 ? -10.385 -8.894  -0.266  1.00 19.20 ? 48  TYR A N   1 
ATOM   249 C CA  . TYR A 1 41 ? -11.083 -8.211  0.816   1.00 23.37 ? 48  TYR A CA  1 
ATOM   250 C C   . TYR A 1 41 ? -11.885 -7.032  0.271   1.00 22.58 ? 48  TYR A C   1 
ATOM   251 O O   . TYR A 1 41 ? -11.515 -6.443  -0.750  1.00 21.77 ? 48  TYR A O   1 
ATOM   252 C CB  . TYR A 1 41 ? -10.106 -7.688  1.881   1.00 18.64 ? 48  TYR A CB  1 
ATOM   253 C CG  . TYR A 1 41 ? -9.443  -8.776  2.698   1.00 18.79 ? 48  TYR A CG  1 
ATOM   254 C CD1 . TYR A 1 41 ? -8.390  -9.527  2.178   1.00 21.42 ? 48  TYR A CD1 1 
ATOM   255 C CD2 . TYR A 1 41 ? -9.861  -9.047  3.996   1.00 20.73 ? 48  TYR A CD2 1 
ATOM   256 C CE1 . TYR A 1 41 ? -7.783  -10.523 2.933   1.00 22.63 ? 48  TYR A CE1 1 
ATOM   257 C CE2 . TYR A 1 41 ? -9.260  -10.039 4.754   1.00 20.88 ? 48  TYR A CE2 1 
ATOM   258 C CZ  . TYR A 1 41 ? -8.221  -10.772 4.215   1.00 23.39 ? 48  TYR A CZ  1 
ATOM   259 O OH  . TYR A 1 41 ? -7.618  -11.757 4.964   1.00 24.14 ? 48  TYR A OH  1 
ATOM   260 N N   . PRO A 1 42 ? -12.985 -6.668  0.927   1.00 22.16 ? 49  PRO A N   1 
ATOM   261 C CA  . PRO A 1 42 ? -13.798 -5.539  0.453   1.00 21.12 ? 49  PRO A CA  1 
ATOM   262 C C   . PRO A 1 42 ? -13.060 -4.214  0.567   1.00 18.05 ? 49  PRO A C   1 
ATOM   263 O O   . PRO A 1 42 ? -12.109 -4.060  1.337   1.00 21.35 ? 49  PRO A O   1 
ATOM   264 C CB  . PRO A 1 42 ? -15.006 -5.555  1.400   1.00 19.60 ? 49  PRO A CB  1 
ATOM   265 C CG  . PRO A 1 42 ? -15.019 -6.920  1.978   1.00 22.05 ? 49  PRO A CG  1 
ATOM   266 C CD  . PRO A 1 42 ? -13.597 -7.337  2.085   1.00 21.68 ? 49  PRO A CD  1 
ATOM   267 N N   . GLU A 1 43 ? -13.534 -3.235  -0.214  1.00 21.29 ? 50  GLU A N   1 
ATOM   268 C CA  . GLU A 1 43 ? -12.959 -1.891  -0.162  1.00 22.78 ? 50  GLU A CA  1 
ATOM   269 C C   . GLU A 1 43 ? -13.041 -1.284  1.236   1.00 21.69 ? 50  GLU A C   1 
ATOM   270 O O   . GLU A 1 43 ? -12.223 -0.428  1.588   1.00 23.91 ? 50  GLU A O   1 
ATOM   271 C CB  . GLU A 1 43 ? -13.643 -0.974  -1.180  1.00 30.40 ? 50  GLU A CB  1 
ATOM   272 C CG  . GLU A 1 43 ? -13.135 -1.116  -2.611  1.00 39.05 ? 50  GLU A CG  1 
ATOM   273 C CD  . GLU A 1 43 ? -11.995 -0.156  -2.926  1.00 73.69 ? 50  GLU A CD  1 
ATOM   274 O OE1 . GLU A 1 43 ? -10.944 -0.605  -3.431  1.00 62.38 ? 50  GLU A OE1 1 
ATOM   275 O OE2 . GLU A 1 43 ? -12.153 1.057   -2.667  1.00 95.30 ? 50  GLU A OE2 1 
ATOM   276 N N   . THR A 1 44 ? -14.011 -1.714  2.050   1.00 25.36 ? 51  THR A N   1 
ATOM   277 C CA  . THR A 1 44 ? -14.091 -1.212  3.419   1.00 23.98 ? 51  THR A CA  1 
ATOM   278 C C   . THR A 1 44 ? -12.868 -1.585  4.246   1.00 29.48 ? 51  THR A C   1 
ATOM   279 O O   . THR A 1 44 ? -12.648 -0.989  5.307   1.00 26.77 ? 51  THR A O   1 
ATOM   280 C CB  . THR A 1 44 ? -15.347 -1.739  4.114   1.00 26.10 ? 51  THR A CB  1 
ATOM   281 O OG1 . THR A 1 44 ? -15.402 -3.166  3.982   1.00 29.77 ? 51  THR A OG1 1 
ATOM   282 C CG2 . THR A 1 44 ? -16.594 -1.125  3.504   1.00 35.92 ? 51  THR A CG2 1 
ATOM   283 N N   . GLU A 1 45 ? -12.080 -2.558  3.797   1.00 20.32 ? 52  GLU A N   1 
ATOM   284 C CA  . GLU A 1 45 ? -10.885 -2.980  4.510   1.00 20.19 ? 52  GLU A CA  1 
ATOM   285 C C   . GLU A 1 45 ? -9.617  -2.286  4.023   1.00 18.39 ? 52  GLU A C   1 
ATOM   286 O O   . GLU A 1 45 ? -8.532  -2.613  4.515   1.00 19.44 ? 52  GLU A O   1 
ATOM   287 C CB  . GLU A 1 45 ? -10.713 -4.502  4.423   1.00 19.10 ? 52  GLU A CB  1 
ATOM   288 C CG  . GLU A 1 45 ? -11.830 -5.304  5.093   1.00 21.12 ? 52  GLU A CG  1 
ATOM   289 C CD  . GLU A 1 45 ? -11.759 -5.263  6.611   1.00 42.67 ? 52  GLU A CD  1 
ATOM   290 O OE1 . GLU A 1 45 ? -10.715 -4.831  7.150   1.00 33.82 ? 52  GLU A OE1 1 
ATOM   291 O OE2 . GLU A 1 45 ? -12.748 -5.659  7.267   1.00 31.42 ? 52  GLU A OE2 1 
ATOM   292 N N   . ASN A 1 46 ? -9.723  -1.345  3.082   1.00 18.88 ? 53  ASN A N   1 
ATOM   293 C CA  . ASN A 1 46 ? -8.545  -0.619  2.618   1.00 17.62 ? 53  ASN A CA  1 
ATOM   294 C C   . ASN A 1 46 ? -7.877  0.082   3.792   1.00 22.68 ? 53  ASN A C   1 
ATOM   295 O O   . ASN A 1 46 ? -8.551  0.618   4.675   1.00 21.05 ? 53  ASN A O   1 
ATOM   296 C CB  . ASN A 1 46 ? -8.954  0.436   1.593   1.00 19.46 ? 53  ASN A CB  1 
ATOM   297 C CG  . ASN A 1 46 ? -9.426  -0.158  0.283   1.00 22.17 ? 53  ASN A CG  1 
ATOM   298 O OD1 . ASN A 1 46 ? -9.419  -1.374  0.087   1.00 18.39 ? 53  ASN A OD1 1 
ATOM   299 N ND2 . ASN A 1 46 ? -9.860  0.707   -0.624  1.00 26.99 ? 53  ASN A ND2 1 
ATOM   300 N N   . THR A 1 47 ? -6.544  0.075   3.808   1.00 17.93 ? 54  THR A N   1 
ATOM   301 C CA  . THR A 1 47 ? -5.798  0.664   4.914   1.00 18.11 ? 54  THR A CA  1 
ATOM   302 C C   . THR A 1 47 ? -4.606  1.453   4.391   1.00 19.36 ? 54  THR A C   1 
ATOM   303 O O   . THR A 1 47 ? -4.075  1.172   3.314   1.00 17.51 ? 54  THR A O   1 
ATOM   304 C CB  . THR A 1 47 ? -5.270  -0.409  5.874   1.00 20.77 ? 54  THR A CB  1 
ATOM   305 O OG1 . THR A 1 47 ? -4.489  -1.364  5.142   1.00 21.48 ? 54  THR A OG1 1 
ATOM   306 C CG2 . THR A 1 47 ? -6.415  -1.117  6.584   1.00 27.83 ? 54  THR A CG2 1 
ATOM   307 N N   . TRP A 1 48 ? -4.180  2.440   5.179   1.00 18.20 ? 55  TRP A N   1 
ATOM   308 C CA  . TRP A 1 48 ? -2.933  3.149   4.936   1.00 15.83 ? 55  TRP A CA  1 
ATOM   309 C C   . TRP A 1 48 ? -1.803  2.372   5.598   1.00 18.10 ? 55  TRP A C   1 
ATOM   310 O O   . TRP A 1 48 ? -1.891  2.029   6.785   1.00 20.17 ? 55  TRP A O   1 
ATOM   311 C CB  . TRP A 1 48 ? -2.996  4.558   5.530   1.00 17.28 ? 55  TRP A CB  1 
ATOM   312 C CG  . TRP A 1 48 ? -3.848  5.508   4.771   1.00 19.40 ? 55  TRP A CG  1 
ATOM   313 C CD1 . TRP A 1 48 ? -5.132  5.872   5.061   1.00 21.62 ? 55  TRP A CD1 1 
ATOM   314 C CD2 . TRP A 1 48 ? -3.482  6.231   3.592   1.00 16.57 ? 55  TRP A CD2 1 
ATOM   315 N NE1 . TRP A 1 48 ? -5.586  6.778   4.137   1.00 22.03 ? 55  TRP A NE1 1 
ATOM   316 C CE2 . TRP A 1 48 ? -4.593  7.017   3.223   1.00 23.59 ? 55  TRP A CE2 1 
ATOM   317 C CE3 . TRP A 1 48 ? -2.319  6.294   2.816   1.00 16.37 ? 55  TRP A CE3 1 
ATOM   318 C CZ2 . TRP A 1 48 ? -4.579  7.850   2.110   1.00 22.89 ? 55  TRP A CZ2 1 
ATOM   319 C CZ3 . TRP A 1 48 ? -2.308  7.123   1.711   1.00 18.23 ? 55  TRP A CZ3 1 
ATOM   320 C CH2 . TRP A 1 48 ? -3.429  7.892   1.367   1.00 20.19 ? 55  TRP A CH2 1 
ATOM   321 N N   . GLU A 1 49 ? -0.752  2.079   4.830   1.00 16.21 ? 56  GLU A N   1 
ATOM   322 C CA  . GLU A 1 49 ? 0.379   1.329   5.354   1.00 17.88 ? 56  GLU A CA  1 
ATOM   323 C C   . GLU A 1 49 ? 1.673   2.076   5.061   1.00 19.43 ? 56  GLU A C   1 
ATOM   324 O O   . GLU A 1 49 ? 1.839   2.623   3.963   1.00 19.26 ? 56  GLU A O   1 
ATOM   325 C CB  . GLU A 1 49 ? 0.459   -0.073  4.717   1.00 19.73 ? 56  GLU A CB  1 
ATOM   326 C CG  . GLU A 1 49 ? -0.793  -0.943  4.897   1.00 16.63 ? 56  GLU A CG  1 
ATOM   327 C CD  . GLU A 1 49 ? -1.061  -1.319  6.345   1.00 22.27 ? 56  GLU A CD  1 
ATOM   328 O OE1 . GLU A 1 49 ? -0.120  -1.233  7.173   1.00 24.48 ? 56  GLU A OE1 1 
ATOM   329 O OE2 . GLU A 1 49 ? -2.218  -1.689  6.659   1.00 21.54 ? 56  GLU A OE2 1 
ATOM   330 N N   . PRO A 1 50 ? 2.614   2.102   6.008   1.00 19.22 ? 57  PRO A N   1 
ATOM   331 C CA  . PRO A 1 50 ? 3.918   2.716   5.731   1.00 23.58 ? 57  PRO A CA  1 
ATOM   332 C C   . PRO A 1 50 ? 4.629   1.987   4.602   1.00 18.06 ? 57  PRO A C   1 
ATOM   333 O O   . PRO A 1 50 ? 4.465   0.777   4.417   1.00 19.75 ? 57  PRO A O   1 
ATOM   334 C CB  . PRO A 1 50 ? 4.674   2.548   7.054   1.00 27.43 ? 57  PRO A CB  1 
ATOM   335 C CG  . PRO A 1 50 ? 4.040   1.384   7.698   1.00 20.76 ? 57  PRO A CG  1 
ATOM   336 C CD  . PRO A 1 50 ? 2.577   1.456   7.328   1.00 20.27 ? 57  PRO A CD  1 
ATOM   337 N N   . GLU A 1 51 ? 5.439   2.742   3.848   1.00 20.43 ? 58  GLU A N   1 
ATOM   338 C CA  A GLU A 1 51 ? 6.065   2.180   2.656   0.53 18.11 ? 58  GLU A CA  1 
ATOM   339 C CA  B GLU A 1 51 ? 6.069   2.181   2.655   0.47 18.12 ? 58  GLU A CA  1 
ATOM   340 C C   . GLU A 1 51 ? 6.914   0.955   2.975   1.00 19.37 ? 58  GLU A C   1 
ATOM   341 O O   . GLU A 1 51 ? 6.999   0.030   2.156   1.00 20.17 ? 58  GLU A O   1 
ATOM   342 C CB  A GLU A 1 51 ? 6.877   3.246   1.916   0.53 20.03 ? 58  GLU A CB  1 
ATOM   343 C CB  B GLU A 1 51 ? 6.899   3.239   1.924   0.47 19.94 ? 58  GLU A CB  1 
ATOM   344 C CG  A GLU A 1 51 ? 8.044   3.827   2.691   0.53 19.09 ? 58  GLU A CG  1 
ATOM   345 C CG  B GLU A 1 51 ? 7.458   2.742   0.591   0.47 21.65 ? 58  GLU A CG  1 
ATOM   346 C CD  A GLU A 1 51 ? 8.915   4.724   1.829   0.53 20.77 ? 58  GLU A CD  1 
ATOM   347 C CD  B GLU A 1 51 ? 8.116   3.835   -0.228  0.47 39.08 ? 58  GLU A CD  1 
ATOM   348 O OE1 A GLU A 1 51 ? 8.789   4.656   0.588   0.53 36.36 ? 58  GLU A OE1 1 
ATOM   349 O OE1 B GLU A 1 51 ? 8.616   4.812   0.370   0.47 38.42 ? 58  GLU A OE1 1 
ATOM   350 O OE2 A GLU A 1 51 ? 9.728   5.491   2.389   0.53 23.40 ? 58  GLU A OE2 1 
ATOM   351 O OE2 B GLU A 1 51 ? 8.134   3.717   -1.473  0.47 27.33 ? 58  GLU A OE2 1 
ATOM   352 N N   . ASN A 1 52 ? 7.536   0.913   4.156   1.00 22.85 ? 59  ASN A N   1 
ATOM   353 C CA  . ASN A 1 52 ? 8.370   -0.244  4.477   1.00 20.04 ? 59  ASN A CA  1 
ATOM   354 C C   . ASN A 1 52 ? 7.564   -1.506  4.775   1.00 23.82 ? 59  ASN A C   1 
ATOM   355 O O   . ASN A 1 52 ? 8.156   -2.586  4.873   1.00 19.25 ? 59  ASN A O   1 
ATOM   356 C CB  . ASN A 1 52 ? 9.326   0.068   5.628   1.00 26.17 ? 59  ASN A CB  1 
ATOM   357 C CG  . ASN A 1 52 ? 10.560  0.817   5.168   1.00 50.19 ? 59  ASN A CG  1 
ATOM   358 O OD1 . ASN A 1 52 ? 10.973  0.709   4.011   1.00 53.09 ? 59  ASN A OD1 1 
ATOM   359 N ND2 . ASN A 1 52 ? 11.161  1.579   6.074   1.00 68.95 ? 59  ASN A ND2 1 
ATOM   360 N N   . ASN A 1 53 ? 6.242   -1.404  4.929   1.00 19.59 ? 60  ASN A N   1 
ATOM   361 C CA  . ASN A 1 53 ? 5.416   -2.596  5.075   1.00 17.47 ? 60  ASN A CA  1 
ATOM   362 C C   . ASN A 1 53 ? 5.173   -3.309  3.747   1.00 17.27 ? 60  ASN A C   1 
ATOM   363 O O   . ASN A 1 53 ? 4.698   -4.450  3.745   1.00 18.38 ? 60  ASN A O   1 
ATOM   364 C CB  . ASN A 1 53 ? 4.068   -2.231  5.709   1.00 17.78 ? 60  ASN A CB  1 
ATOM   365 C CG  . ASN A 1 53 ? 4.123   -2.175  7.223   1.00 23.16 ? 60  ASN A CG  1 
ATOM   366 O OD1 . ASN A 1 53 ? 5.196   -2.093  7.814   1.00 22.97 ? 60  ASN A OD1 1 
ATOM   367 N ND2 . ASN A 1 53 ? 2.955   -2.215  7.858   1.00 25.59 ? 60  ASN A ND2 1 
ATOM   368 N N   . LEU A 1 54 ? 5.504   -2.690  2.622   1.00 17.70 ? 61  LEU A N   1 
ATOM   369 C CA  . LEU A 1 54 ? 5.150   -3.238  1.322   1.00 16.27 ? 61  LEU A CA  1 
ATOM   370 C C   . LEU A 1 54 ? 6.310   -4.019  0.729   1.00 19.55 ? 61  LEU A C   1 
ATOM   371 O O   . LEU A 1 54 ? 7.462   -3.578  0.771   1.00 19.93 ? 61  LEU A O   1 
ATOM   372 C CB  . LEU A 1 54 ? 4.766   -2.118  0.350   1.00 18.52 ? 61  LEU A CB  1 
ATOM   373 C CG  . LEU A 1 54 ? 3.338   -1.577  0.431   1.00 22.97 ? 61  LEU A CG  1 
ATOM   374 C CD1 . LEU A 1 54 ? 3.075   -0.830  1.736   1.00 20.31 ? 61  LEU A CD1 1 
ATOM   375 C CD2 . LEU A 1 54 ? 3.083   -0.667  -0.752  1.00 20.47 ? 61  LEU A CD2 1 
ATOM   376 N N   . ASP A 1 55 ? 5.986   -5.177  0.166   1.00 19.33 ? 62  ASP A N   1 
ATOM   377 C CA  . ASP A 1 55 ? 6.832   -5.874  -0.793  1.00 22.15 ? 62  ASP A CA  1 
ATOM   378 C C   . ASP A 1 55 ? 6.069   -5.905  -2.114  1.00 23.42 ? 62  ASP A C   1 
ATOM   379 O O   . ASP A 1 55 ? 5.505   -6.925  -2.516  1.00 23.13 ? 62  ASP A O   1 
ATOM   380 C CB  . ASP A 1 55 ? 7.150   -7.284  -0.285  1.00 23.54 ? 62  ASP A CB  1 
ATOM   381 C CG  . ASP A 1 55 ? 8.289   -7.946  -1.050  1.00 33.20 ? 62  ASP A CG  1 
ATOM   382 O OD1 . ASP A 1 55 ? 8.791   -7.348  -2.024  1.00 31.96 ? 62  ASP A OD1 1 
ATOM   383 O OD2 . ASP A 1 55 ? 8.671   -9.076  -0.684  1.00 37.31 ? 62  ASP A OD2 1 
ATOM   384 N N   . CYS A 1 56 ? 6.012   -4.742  -2.766  1.00 21.98 ? 63  CYS A N   1 
ATOM   385 C CA  . CYS A 1 56 ? 5.240   -4.547  -3.994  1.00 21.75 ? 63  CYS A CA  1 
ATOM   386 C C   . CYS A 1 56 ? 6.011   -3.632  -4.938  1.00 20.42 ? 63  CYS A C   1 
ATOM   387 O O   . CYS A 1 56 ? 5.527   -2.585  -5.358  1.00 21.71 ? 63  CYS A O   1 
ATOM   388 C CB  . CYS A 1 56 ? 3.902   -3.862  -3.729  1.00 25.67 ? 63  CYS A CB  1 
ATOM   389 S SG  . CYS A 1 56 ? 2.827   -4.606  -2.534  1.00 27.57 ? 63  CYS A SG  1 
ATOM   390 N N   . GLN A 1 57 ? 7.246   -4.002  -5.270  1.00 28.91 ? 64  GLN A N   1 
ATOM   391 C CA  . GLN A 1 57 ? 8.045   -3.095  -6.087  1.00 34.40 ? 64  GLN A CA  1 
ATOM   392 C C   . GLN A 1 57 ? 7.380   -2.816  -7.430  1.00 21.17 ? 64  GLN A C   1 
ATOM   393 O O   . GLN A 1 57 ? 7.413   -1.680  -7.919  1.00 25.14 ? 64  GLN A O   1 
ATOM   394 C CB  . GLN A 1 57 ? 9.480   -3.596  -6.243  1.00 41.22 ? 64  GLN A CB  1 
ATOM   395 C CG  . GLN A 1 57 ? 10.438  -2.918  -5.268  1.00 77.43 ? 64  GLN A CG  1 
ATOM   396 C CD  . GLN A 1 57 ? 10.115  -1.437  -5.078  1.00 73.84 ? 64  GLN A CD  1 
ATOM   397 O OE1 . GLN A 1 57 ? 9.830   -0.990  -3.961  1.00 38.70 ? 64  GLN A OE1 1 
ATOM   398 N NE2 . GLN A 1 57 ? 10.144  -0.673  -6.172  1.00 46.98 ? 64  GLN A NE2 1 
ATOM   399 N N   . ASP A 1 58 ? 6.733   -3.824  -8.020  1.00 21.99 ? 65  ASP A N   1 
ATOM   400 C CA  . ASP A 1 58 ? 6.067   -3.605  -9.301  1.00 22.65 ? 65  ASP A CA  1 
ATOM   401 C C   . ASP A 1 58 ? 4.938   -2.591  -9.169  1.00 21.96 ? 65  ASP A C   1 
ATOM   402 O O   . ASP A 1 58 ? 4.825   -1.666  -9.983  1.00 21.28 ? 65  ASP A O   1 
ATOM   403 C CB  . ASP A 1 58 ? 5.560   -4.923  -9.885  1.00 31.48 ? 65  ASP A CB  1 
ATOM   404 C CG  . ASP A 1 58 ? 6.684   -5.798  -10.403 1.00 58.85 ? 65  ASP A CG  1 
ATOM   405 O OD1 . ASP A 1 58 ? 7.653   -5.251  -10.973 1.00 41.15 ? 65  ASP A OD1 1 
ATOM   406 O OD2 . ASP A 1 58 ? 6.599   -7.033  -10.242 1.00 48.83 ? 65  ASP A OD2 1 
ATOM   407 N N   . LEU A 1 59 ? 4.094   -2.743  -8.141  1.00 19.70 ? 66  LEU A N   1 
ATOM   408 C CA  . LEU A 1 59 ? 2.996   -1.799  -7.950  1.00 19.40 ? 66  LEU A CA  1 
ATOM   409 C C   . LEU A 1 59 ? 3.509   -0.402  -7.618  1.00 20.16 ? 66  LEU A C   1 
ATOM   410 O O   . LEU A 1 59 ? 2.960   0.593   -8.098  1.00 18.63 ? 66  LEU A O   1 
ATOM   411 C CB  . LEU A 1 59 ? 2.048   -2.282  -6.849  1.00 21.00 ? 66  LEU A CB  1 
ATOM   412 C CG  . LEU A 1 59 ? 1.210   -3.529  -7.113  1.00 18.92 ? 66  LEU A CG  1 
ATOM   413 C CD1 . LEU A 1 59 ? 0.275   -3.775  -5.930  1.00 20.51 ? 66  LEU A CD1 1 
ATOM   414 C CD2 . LEU A 1 59 ? 0.411   -3.350  -8.397  1.00 20.21 ? 66  LEU A CD2 1 
ATOM   415 N N   . ILE A 1 60 ? 4.545   -0.306  -6.780  1.00 19.80 ? 67  ILE A N   1 
ATOM   416 C CA  . ILE A 1 60 ? 5.053   1.007   -6.383  1.00 17.88 ? 67  ILE A CA  1 
ATOM   417 C C   . ILE A 1 60 ? 5.648   1.739   -7.580  1.00 19.80 ? 67  ILE A C   1 
ATOM   418 O O   . ILE A 1 60 ? 5.355   2.916   -7.817  1.00 25.89 ? 67  ILE A O   1 
ATOM   419 C CB  . ILE A 1 60 ? 6.060   0.876   -5.228  1.00 19.65 ? 67  ILE A CB  1 
ATOM   420 C CG1 . ILE A 1 60 ? 5.361   0.380   -3.954  1.00 21.32 ? 67  ILE A CG1 1 
ATOM   421 C CG2 . ILE A 1 60 ? 6.728   2.218   -4.970  1.00 24.13 ? 67  ILE A CG2 1 
ATOM   422 C CD1 . ILE A 1 60 ? 6.317   0.050   -2.809  1.00 24.85 ? 67  ILE A CD1 1 
ATOM   423 N N   . GLN A 1 61 ? 6.476   1.045   -8.364  1.00 21.71 ? 68  GLN A N   1 
ATOM   424 C CA  . GLN A 1 61 ? 7.079   1.672   -9.537  1.00 20.11 ? 68  GLN A CA  1 
ATOM   425 C C   . GLN A 1 61 ? 6.022   2.081   -10.552 1.00 23.83 ? 68  GLN A C   1 
ATOM   426 O O   . GLN A 1 61 ? 6.134   3.140   -11.182 1.00 24.16 ? 68  GLN A O   1 
ATOM   427 C CB  . GLN A 1 61 ? 8.106   0.731   -10.168 1.00 30.56 ? 68  GLN A CB  1 
ATOM   428 C CG  . GLN A 1 61 ? 8.979   1.390   -11.218 1.00 67.50 ? 68  GLN A CG  1 
ATOM   429 C CD  . GLN A 1 61 ? 9.989   0.435   -11.821 1.00 67.89 ? 68  GLN A CD  1 
ATOM   430 O OE1 . GLN A 1 61 ? 10.022  -0.750  -11.483 1.00 65.07 ? 68  GLN A OE1 1 
ATOM   431 N NE2 . GLN A 1 61 ? 10.827  0.949   -12.717 1.00 27.28 ? 68  GLN A NE2 1 
ATOM   432 N N   . GLN A 1 62 ? 4.984   1.260   -10.727 1.00 20.35 ? 69  GLN A N   1 
ATOM   433 C CA  . GLN A 1 62 ? 3.922   1.629   -11.655 1.00 19.63 ? 69  GLN A CA  1 
ATOM   434 C C   . GLN A 1 62 ? 3.133   2.821   -11.135 1.00 23.06 ? 69  GLN A C   1 
ATOM   435 O O   . GLN A 1 62 ? 2.770   3.719   -11.904 1.00 29.89 ? 69  GLN A O   1 
ATOM   436 C CB  . GLN A 1 62 ? 2.992   0.442   -11.887 1.00 18.63 ? 69  GLN A CB  1 
ATOM   437 C CG  . GLN A 1 62 ? 1.953   0.700   -12.948 1.00 20.07 ? 69  GLN A CG  1 
ATOM   438 C CD  . GLN A 1 62 ? 2.585   1.028   -14.282 1.00 20.83 ? 69  GLN A CD  1 
ATOM   439 O OE1 . GLN A 1 62 ? 3.242   0.185   -14.875 1.00 23.81 ? 69  GLN A OE1 1 
ATOM   440 N NE2 . GLN A 1 62 ? 2.394   2.255   -14.756 1.00 20.95 ? 69  GLN A NE2 1 
ATOM   441 N N   . TYR A 1 63 ? 2.846   2.842   -9.831  1.00 21.22 ? 70  TYR A N   1 
ATOM   442 C CA  . TYR A 1 63 ? 2.129   3.971   -9.254  1.00 18.30 ? 70  TYR A CA  1 
ATOM   443 C C   . TYR A 1 63 ? 2.938   5.255   -9.384  1.00 27.55 ? 70  TYR A C   1 
ATOM   444 O O   . TYR A 1 63 ? 2.397   6.302   -9.759  1.00 28.44 ? 70  TYR A O   1 
ATOM   445 C CB  . TYR A 1 63 ? 1.821   3.705   -7.781  1.00 20.03 ? 70  TYR A CB  1 
ATOM   446 C CG  . TYR A 1 63 ? 1.010   4.810   -7.146  1.00 22.67 ? 70  TYR A CG  1 
ATOM   447 C CD1 . TYR A 1 63 ? 1.624   5.876   -6.494  1.00 27.39 ? 70  TYR A CD1 1 
ATOM   448 C CD2 . TYR A 1 63 ? -0.372  4.793   -7.217  1.00 27.87 ? 70  TYR A CD2 1 
ATOM   449 C CE1 . TYR A 1 63 ? 0.870   6.893   -5.919  1.00 33.80 ? 70  TYR A CE1 1 
ATOM   450 C CE2 . TYR A 1 63 ? -1.131  5.797   -6.650  1.00 26.98 ? 70  TYR A CE2 1 
ATOM   451 C CZ  . TYR A 1 63 ? -0.508  6.844   -6.004  1.00 26.15 ? 70  TYR A CZ  1 
ATOM   452 O OH  . TYR A 1 63 ? -1.275  7.844   -5.440  1.00 37.80 ? 70  TYR A OH  1 
ATOM   453 N N   . GLU A 1 64 ? 4.233   5.196   -9.057  1.00 30.59 ? 71  GLU A N   1 
ATOM   454 C CA  . GLU A 1 64 ? 5.060   6.399   -9.097  1.00 38.15 ? 71  GLU A CA  1 
ATOM   455 C C   . GLU A 1 64 ? 5.299   6.861   -10.529 1.00 38.99 ? 71  GLU A C   1 
ATOM   456 O O   . GLU A 1 64 ? 5.391   8.066   -10.791 1.00 46.09 ? 71  GLU A O   1 
ATOM   457 C CB  . GLU A 1 64 ? 6.386   6.164   -8.369  1.00 35.94 ? 71  GLU A CB  1 
ATOM   458 C CG  . GLU A 1 64 ? 6.253   5.826   -6.885  1.00 42.49 ? 71  GLU A CG  1 
ATOM   459 C CD  . GLU A 1 64 ? 5.964   7.041   -6.011  1.00 73.58 ? 71  GLU A CD  1 
ATOM   460 O OE1 . GLU A 1 64 ? 5.961   8.174   -6.539  1.00 71.55 ? 71  GLU A OE1 1 
ATOM   461 O OE2 . GLU A 1 64 ? 5.744   6.861   -4.793  1.00 37.78 ? 71  GLU A OE2 1 
ATOM   462 N N   . ALA A 1 65 ? 5.397   5.924   -11.471 1.00 34.20 ? 72  ALA A N   1 
ATOM   463 C CA  . ALA A 1 65 ? 5.581   6.324   -12.860 1.00 41.90 ? 72  ALA A CA  1 
ATOM   464 C C   . ALA A 1 65 ? 4.316   6.942   -13.441 1.00 44.21 ? 72  ALA A C   1 
ATOM   465 O O   . ALA A 1 65 ? 4.402   7.800   -14.328 1.00 67.02 ? 72  ALA A O   1 
ATOM   466 C CB  . ALA A 1 65 ? 6.041   5.134   -13.705 1.00 45.44 ? 72  ALA A CB  1 
ATOM   467 N N   . SER A 1 66 ? 3.144   6.543   -12.945 1.00 54.88 ? 73  SER A N   1 
ATOM   468 C CA  . SER A 1 66 ? 1.869   6.931   -13.539 1.00 53.40 ? 73  SER A CA  1 
ATOM   469 C C   . SER A 1 66 ? 1.272   8.208   -12.956 1.00 37.72 ? 73  SER A C   1 
ATOM   470 O O   . SER A 1 66 ? 0.264   8.692   -13.485 1.00 55.56 ? 73  SER A O   1 
ATOM   471 C CB  . SER A 1 66 ? 0.849   5.790   -13.430 1.00 45.61 ? 73  SER A CB  1 
ATOM   472 O OG  . SER A 1 66 ? 1.350   4.596   -14.000 1.00 43.63 ? 73  SER A OG  1 
ATOM   473 N N   . ARG A 1 67 ? 1.857   8.772   -11.900 1.00 56.58 ? 74  ARG A N   1 
ATOM   474 C CA  . ARG A 1 67 ? 1.297   9.983   -11.295 1.00 55.47 ? 74  ARG A CA  1 
ATOM   475 C C   . ARG A 1 67 ? 1.631   11.218  -12.125 1.00 43.24 ? 74  ARG A C   1 
ATOM   476 O O   . ARG A 1 67 ? 2.702   11.803  -11.984 1.00 61.16 ? 74  ARG A O   1 
ATOM   477 C CB  . ARG A 1 67 ? 1.764   10.166  -9.837  1.00 62.04 ? 74  ARG A CB  1 
ATOM   478 C CG  . ARG A 1 67 ? 3.246   9.952   -9.573  1.00 53.46 ? 74  ARG A CG  1 
ATOM   479 C CD  . ARG A 1 67 ? 3.495   9.529   -8.125  1.00 58.73 ? 74  ARG A CD  1 
ATOM   480 N NE  . ARG A 1 67 ? 3.112   10.585  -7.199  1.00 78.50 ? 74  ARG A NE  1 
ATOM   481 C CZ  . ARG A 1 67 ? 3.646   10.766  -5.994  1.00 70.93 ? 74  ARG A CZ  1 
ATOM   482 N NH1 . ARG A 1 67 ? 3.214   11.759  -5.213  1.00 64.96 ? 74  ARG A NH1 1 
ATOM   483 N NH2 . ARG A 1 67 ? 4.624   9.970   -5.574  1.00 75.92 ? 74  ARG A NH2 1 
ATOM   484 N N   . GLN B 2 1  ? 4.055   -9.379  -4.366  1.00 41.44 ? 5   GLN P N   1 
ATOM   485 C CA  . GLN B 2 1  ? 3.037   -8.334  -4.293  1.00 21.62 ? 5   GLN P CA  1 
ATOM   486 C C   . GLN B 2 1  ? 2.223   -8.498  -3.014  1.00 20.09 ? 5   GLN P C   1 
ATOM   487 O O   . GLN B 2 1  ? 1.030   -8.823  -3.046  1.00 21.30 ? 5   GLN P O   1 
ATOM   488 C CB  . GLN B 2 1  ? 2.129   -8.393  -5.519  1.00 29.33 ? 5   GLN P CB  1 
ATOM   489 C CG  . GLN B 2 1  ? 1.193   -7.205  -5.648  1.00 24.83 ? 5   GLN P CG  1 
ATOM   490 C CD  . GLN B 2 1  ? 0.571   -7.101  -7.024  1.00 53.89 ? 5   GLN P CD  1 
ATOM   491 O OE1 . GLN B 2 1  ? 1.263   -6.833  -8.006  1.00 44.00 ? 5   GLN P OE1 1 
ATOM   492 N NE2 . GLN B 2 1  ? -0.743  -7.312  -7.102  1.00 33.07 ? 5   GLN P NE2 1 
ATOM   493 N N   . THR B 2 2  ? 2.892   -8.285  -1.882  1.00 20.11 ? 6   THR P N   1 
ATOM   494 C CA  . THR B 2 2  ? 2.306   -8.472  -0.565  1.00 19.64 ? 6   THR P CA  1 
ATOM   495 C C   . THR B 2 2  ? 2.652   -7.277  0.310   1.00 18.22 ? 6   THR P C   1 
ATOM   496 O O   . THR B 2 2  ? 3.483   -6.435  -0.048  1.00 20.89 ? 6   THR P O   1 
ATOM   497 C CB  . THR B 2 2  ? 2.829   -9.752  0.103   1.00 24.52 ? 6   THR P CB  1 
ATOM   498 O OG1 . THR B 2 2  ? 4.248   -9.642  0.296   1.00 29.13 ? 6   THR P OG1 1 
ATOM   499 C CG2 . THR B 2 2  ? 2.515   -10.984 -0.749  1.00 31.37 ? 6   THR P CG2 1 
ATOM   500 N N   . ALA B 2 3  ? 2.008   -7.207  1.475   1.00 19.88 ? 7   ALA P N   1 
ATOM   501 C CA  . ALA B 2 3  ? 2.358   -6.191  2.456   1.00 17.08 ? 7   ALA P CA  1 
ATOM   502 C C   . ALA B 2 3  ? 1.938   -6.638  3.845   1.00 18.22 ? 7   ALA P C   1 
ATOM   503 O O   . ALA B 2 3  ? 0.981   -7.403  4.013   1.00 19.85 ? 7   ALA P O   1 
ATOM   504 C CB  . ALA B 2 3  ? 1.708   -4.837  2.145   1.00 17.89 ? 7   ALA P CB  1 
ATOM   505 N N   . ARG B 2 4  ? 2.664   -6.133  4.837   1.00 20.65 ? 8   ARG P N   1 
ATOM   506 C CA  . ARG B 2 4  ? 2.315   -6.313  6.230   1.00 17.54 ? 8   ARG P CA  1 
ATOM   507 C C   . ARG B 2 4  ? 1.175   -5.353  6.530   1.00 22.01 ? 8   ARG P C   1 
ATOM   508 O O   . ARG B 2 4  ? 1.178   -4.215  6.061   1.00 21.60 ? 8   ARG P O   1 
ATOM   509 C CB  . ARG B 2 4  ? 3.538   -5.973  7.086   1.00 20.20 ? 8   ARG P CB  1 
ATOM   510 C CG  . ARG B 2 4  ? 3.392   -6.161  8.585   1.00 25.33 ? 8   ARG P CG  1 
ATOM   511 C CD  . ARG B 2 4  ? 4.734   -5.836  9.235   1.00 25.86 ? 8   ARG P CD  1 
ATOM   512 N NE  . ARG B 2 4  ? 4.712   -5.915  10.692  1.00 32.64 ? 8   ARG P NE  1 
ATOM   513 C CZ  . ARG B 2 4  ? 5.020   -7.004  11.388  1.00 33.80 ? 8   ARG P CZ  1 
ATOM   514 N NH1 . ARG B 2 4  ? 5.377   -8.117  10.761  1.00 37.42 1 8   ARG P NH1 1 
ATOM   515 N NH2 . ARG B 2 4  ? 4.977   -6.977  12.712  1.00 61.61 ? 8   ARG P NH2 1 
HETATM 516 N N   . M3L B 2 5  ? 0.191   -5.816  7.294   1.00 20.92 ? 9   M3L P N   1 
HETATM 517 C CA  . M3L B 2 5  ? -0.950  -5.006  7.638   1.00 22.35 ? 9   M3L P CA  1 
HETATM 518 C CB  . M3L B 2 5  ? -2.263  -5.764  7.329   1.00 23.57 ? 9   M3L P CB  1 
HETATM 519 C CG  . M3L B 2 5  ? -3.501  -4.911  7.500   1.00 34.17 ? 9   M3L P CG  1 
HETATM 520 C CD  . M3L B 2 5  ? -4.753  -5.778  7.571   1.00 39.81 ? 9   M3L P CD  1 
HETATM 521 C CE  . M3L B 2 5  ? -4.903  -6.568  6.275   1.00 33.55 ? 9   M3L P CE  1 
HETATM 522 N NZ  . M3L B 2 5  ? -6.241  -7.234  5.996   1.00 31.83 ? 9   M3L P NZ  1 
HETATM 523 C C   . M3L B 2 5  ? -0.915  -4.631  9.115   1.00 43.84 ? 9   M3L P C   1 
HETATM 524 O O   . M3L B 2 5  ? -1.076  -5.461  10.010  1.00 40.45 ? 9   M3L P O   1 
HETATM 525 C CM1 . M3L B 2 5  ? -7.370  -6.256  6.011   1.00 30.80 ? 9   M3L P CM1 1 
HETATM 526 C CM2 . M3L B 2 5  ? -6.213  -7.920  4.673   1.00 24.10 ? 9   M3L P CM2 1 
HETATM 527 C CM3 . M3L B 2 5  ? -6.495  -8.261  7.055   1.00 28.17 ? 9   M3L P CM3 1 
ATOM   528 N N   A SER B 2 6  ? -0.691  -3.345  9.365   0.50 42.03 ? 10  SER P N   1 
ATOM   529 N N   B SER B 2 6  ? -0.674  -3.351  9.380   0.50 42.10 ? 10  SER P N   1 
ATOM   530 C CA  A SER B 2 6  ? -0.553  -2.833  10.725  0.50 48.65 ? 10  SER P CA  1 
ATOM   531 C CA  B SER B 2 6  ? -0.566  -2.870  10.756  0.50 48.60 ? 10  SER P CA  1 
ATOM   532 C C   A SER B 2 6  ? -1.903  -2.452  11.320  0.50 34.35 ? 10  SER P C   1 
ATOM   533 C C   B SER B 2 6  ? -1.910  -2.378  11.277  0.50 34.35 ? 10  SER P C   1 
ATOM   534 O O   A SER B 2 6  ? -2.909  -3.120  11.082  0.50 43.12 ? 10  SER P O   1 
ATOM   535 O O   B SER B 2 6  ? -2.931  -3.046  11.116  0.50 43.11 ? 10  SER P O   1 
ATOM   536 C CB  A SER B 2 6  ? 0.385   -1.624  10.743  0.50 44.04 ? 10  SER P CB  1 
ATOM   537 C CB  B SER B 2 6  ? 0.482   -1.758  10.864  0.50 43.02 ? 10  SER P CB  1 
ATOM   538 O OG  A SER B 2 6  ? -0.085  -0.601  9.879   0.50 26.21 ? 10  SER P OG  1 
ATOM   539 O OG  B SER B 2 6  ? 1.793   -2.261  10.660  0.50 35.03 ? 10  SER P OG  1 
HETATM 540 O O   . HOH C 3 .  ? -8.621  -3.508  7.170   1.00 32.71 ? 101 HOH A O   1 
HETATM 541 O O   . HOH C 3 .  ? 5.192   -8.322  2.550   1.00 31.88 ? 102 HOH A O   1 
HETATM 542 O O   . HOH C 3 .  ? -11.215 -4.510  -6.710  1.00 40.66 ? 103 HOH A O   1 
HETATM 543 O O   . HOH C 3 .  ? 8.937   -3.609  -12.509 1.00 37.55 ? 104 HOH A O   1 
HETATM 544 O O   . HOH C 3 .  ? 6.206   -0.710  9.863   1.00 37.34 ? 105 HOH A O   1 
HETATM 545 O O   . HOH C 3 .  ? 8.980   7.004   4.470   1.00 30.92 ? 106 HOH A O   1 
HETATM 546 O O   . HOH C 3 .  ? -12.797 -12.893 -1.127  1.00 23.36 ? 107 HOH A O   1 
HETATM 547 O O   . HOH C 3 .  ? -9.642  -8.794  -5.062  1.00 35.25 ? 108 HOH A O   1 
HETATM 548 O O   . HOH C 3 .  ? -10.265 -0.162  6.678   1.00 45.24 ? 109 HOH A O   1 
HETATM 549 O O   . HOH C 3 .  ? -3.047  -3.849  -9.755  1.00 27.97 ? 110 HOH A O   1 
HETATM 550 O O   . HOH C 3 .  ? -12.470 -7.455  -3.423  1.00 26.31 ? 111 HOH A O   1 
HETATM 551 O O   . HOH C 3 .  ? -2.664  -12.960 1.304   1.00 37.89 ? 112 HOH A O   1 
HETATM 552 O O   . HOH C 3 .  ? 8.875   -1.185  0.329   1.00 28.97 ? 113 HOH A O   1 
HETATM 553 O O   . HOH C 3 .  ? -9.066  -4.014  0.996   1.00 18.86 ? 114 HOH A O   1 
HETATM 554 O O   . HOH C 3 .  ? -6.104  -13.785 3.725   1.00 36.99 ? 115 HOH A O   1 
HETATM 555 O O   . HOH C 3 .  ? -5.150  -10.059 0.833   1.00 20.99 ? 116 HOH A O   1 
HETATM 556 O O   . HOH C 3 .  ? -6.646  5.238   -7.219  1.00 34.07 ? 117 HOH A O   1 
HETATM 557 O O   . HOH C 3 .  ? 1.564   14.319  9.954   1.00 30.79 ? 118 HOH A O   1 
HETATM 558 O O   . HOH C 3 .  ? 8.026   -6.861  -4.739  1.00 44.03 ? 119 HOH A O   1 
HETATM 559 O O   . HOH C 3 .  ? 7.949   2.743   6.369   1.00 31.95 ? 120 HOH A O   1 
HETATM 560 O O   . HOH C 3 .  ? 8.071   8.046   -2.264  1.00 49.50 ? 121 HOH A O   1 
HETATM 561 O O   . HOH C 3 .  ? -5.839  2.920   7.564   1.00 28.19 ? 122 HOH A O   1 
HETATM 562 O O   . HOH C 3 .  ? 6.719   4.954   6.241   1.00 44.72 ? 123 HOH A O   1 
HETATM 563 O O   . HOH C 3 .  ? -15.844 -3.987  -1.990  1.00 31.80 ? 124 HOH A O   1 
HETATM 564 O O   . HOH C 3 .  ? 8.352   -2.923  -2.031  1.00 28.75 ? 125 HOH A O   1 
HETATM 565 O O   . HOH C 3 .  ? -5.116  10.976  3.970   1.00 42.94 ? 126 HOH A O   1 
HETATM 566 O O   . HOH C 3 .  ? 9.710   4.436   -4.097  1.00 41.49 ? 127 HOH A O   1 
HETATM 567 O O   . HOH C 3 .  ? -4.403  -8.916  -7.483  1.00 42.15 ? 128 HOH A O   1 
HETATM 568 O O   . HOH C 3 .  ? 4.116   -5.604  -6.789  1.00 24.20 ? 129 HOH A O   1 
HETATM 569 O O   . HOH C 3 .  ? -6.938  -13.446 -0.618  1.00 39.56 ? 130 HOH A O   1 
HETATM 570 O O   . HOH C 3 .  ? 4.381   5.264   8.798   1.00 44.76 ? 131 HOH A O   1 
HETATM 571 O O   . HOH C 3 .  ? -16.672 -2.666  0.470   1.00 35.78 ? 132 HOH A O   1 
HETATM 572 O O   . HOH C 3 .  ? 1.501   7.117   14.518  1.00 52.92 ? 133 HOH A O   1 
HETATM 573 O O   . HOH C 3 .  ? -8.524  3.088   -7.539  1.00 37.19 ? 134 HOH A O   1 
HETATM 574 O O   . HOH C 3 .  ? -14.122 -11.365 -3.324  0.50 36.46 ? 135 HOH A O   1 
HETATM 575 O O   . HOH C 3 .  ? -8.571  -14.231 -2.319  1.00 41.65 ? 136 HOH A O   1 
HETATM 576 O O   . HOH C 3 .  ? -0.707  13.546  -4.678  1.00 85.82 ? 137 HOH A O   1 
HETATM 577 O O   . HOH C 3 .  ? -16.308 -6.836  -2.022  1.00 33.28 ? 138 HOH A O   1 
HETATM 578 O O   . HOH C 3 .  ? -4.269  12.512  2.374   1.00 49.52 ? 139 HOH A O   1 
HETATM 579 O O   . HOH D 3 .  ? -4.525  -3.798  12.645  1.00 56.14 ? 101 HOH P O   1 
# 
loop_
_pdbx_poly_seq_scheme.asym_id 
_pdbx_poly_seq_scheme.entity_id 
_pdbx_poly_seq_scheme.seq_id 
_pdbx_poly_seq_scheme.mon_id 
_pdbx_poly_seq_scheme.ndb_seq_num 
_pdbx_poly_seq_scheme.pdb_seq_num 
_pdbx_poly_seq_scheme.auth_seq_num 
_pdbx_poly_seq_scheme.pdb_mon_id 
_pdbx_poly_seq_scheme.auth_mon_id 
_pdbx_poly_seq_scheme.pdb_strand_id 
_pdbx_poly_seq_scheme.pdb_ins_code 
_pdbx_poly_seq_scheme.hetero 
A 1 1  MET 1  8  ?  ?   ?   A . n 
A 1 2  LYS 2  9  ?  ?   ?   A . n 
A 1 3  LYS 3  10 ?  ?   ?   A . n 
A 1 4  HIS 4  11 ?  ?   ?   A . n 
A 1 5  HIS 5  12 ?  ?   ?   A . n 
A 1 6  HIS 6  13 ?  ?   ?   A . n 
A 1 7  HIS 7  14 ?  ?   ?   A . n 
A 1 8  HIS 8  15 ?  ?   ?   A . n 
A 1 9  HIS 9  16 ?  ?   ?   A . n 
A 1 10 ALA 10 17 ?  ?   ?   A . n 
A 1 11 GLU 11 18 ?  ?   ?   A . n 
A 1 12 GLU 12 19 ?  ?   ?   A . n 
A 1 13 GLU 13 20 ?  ?   ?   A . n 
A 1 14 GLU 14 21 ?  ?   ?   A . n 
A 1 15 GLU 15 22 22 GLU GLU A . n 
A 1 16 GLU 16 23 23 GLU GLU A . n 
A 1 17 PPN 17 24 24 PPN PPN A . n 
A 1 18 ALA 18 25 25 ALA ALA A . n 
A 1 19 VAL 19 26 26 VAL VAL A . n 
A 1 20 GLU 20 27 27 GLU GLU A . n 
A 1 21 LYS 21 28 28 LYS LYS A . n 
A 1 22 ILE 22 29 29 ILE ILE A . n 
A 1 23 ILE 23 30 30 ILE ILE A . n 
A 1 24 ASP 24 31 31 ASP ASP A . n 
A 1 25 ARG 25 32 32 ARG ARG A . n 
A 1 26 ARG 26 33 33 ARG ARG A . n 
A 1 27 VAL 27 34 34 VAL VAL A . n 
A 1 28 ARG 28 35 35 ARG ARG A . n 
A 1 29 LYS 29 36 36 LYS LYS A . n 
A 1 30 GLY 30 37 37 GLY GLY A . n 
A 1 31 MET 31 38 38 MET MET A . n 
A 1 32 VAL 32 39 39 VAL VAL A . n 
A 1 33 GLU 33 40 40 GLU GLU A . n 
A 1 34 TYR 34 41 41 TYR TYR A . n 
A 1 35 TYR 35 42 42 TYR TYR A . n 
A 1 36 LEU 36 43 43 LEU LEU A . n 
A 1 37 LYS 37 44 44 LYS LYS A . n 
A 1 38 TRP 38 45 45 TRP TRP A . n 
A 1 39 LYS 39 46 46 LYS LYS A . n 
A 1 40 GLY 40 47 47 GLY GLY A . n 
A 1 41 TYR 41 48 48 TYR TYR A . n 
A 1 42 PRO 42 49 49 PRO PRO A . n 
A 1 43 GLU 43 50 50 GLU GLU A . n 
A 1 44 THR 44 51 51 THR THR A . n 
A 1 45 GLU 45 52 52 GLU GLU A . n 
A 1 46 ASN 46 53 53 ASN ASN A . n 
A 1 47 THR 47 54 54 THR THR A . n 
A 1 48 TRP 48 55 55 TRP TRP A . n 
A 1 49 GLU 49 56 56 GLU GLU A . n 
A 1 50 PRO 50 57 57 PRO PRO A . n 
A 1 51 GLU 51 58 58 GLU GLU A . n 
A 1 52 ASN 52 59 59 ASN ASN A . n 
A 1 53 ASN 53 60 60 ASN ASN A . n 
A 1 54 LEU 54 61 61 LEU LEU A . n 
A 1 55 ASP 55 62 62 ASP ASP A . n 
A 1 56 CYS 56 63 63 CYS CYS A . n 
A 1 57 GLN 57 64 64 GLN GLN A . n 
A 1 58 ASP 58 65 65 ASP ASP A . n 
A 1 59 LEU 59 66 66 LEU LEU A . n 
A 1 60 ILE 60 67 67 ILE ILE A . n 
A 1 61 GLN 61 68 68 GLN GLN A . n 
A 1 62 GLN 62 69 69 GLN GLN A . n 
A 1 63 TYR 63 70 70 TYR TYR A . n 
A 1 64 GLU 64 71 71 GLU GLU A . n 
A 1 65 ALA 65 72 72 ALA ALA A . n 
A 1 66 SER 66 73 73 SER SER A . n 
A 1 67 ARG 67 74 74 ARG ARG A . n 
A 1 68 LYS 68 75 ?  ?   ?   A . n 
A 1 69 ASP 69 76 ?  ?   ?   A . n 
B 2 1  GLN 1  5  5  GLN GLN P . n 
B 2 2  THR 2  6  6  THR THR P . n 
B 2 3  ALA 3  7  7  ALA ALA P . n 
B 2 4  ARG 4  8  8  ARG ARG P . n 
B 2 5  M3L 5  9  9  M3L M3L P . n 
B 2 6  SER 6  10 10 SER SER P . n 
# 
loop_
_pdbx_nonpoly_scheme.asym_id 
_pdbx_nonpoly_scheme.entity_id 
_pdbx_nonpoly_scheme.mon_id 
_pdbx_nonpoly_scheme.ndb_seq_num 
_pdbx_nonpoly_scheme.pdb_seq_num 
_pdbx_nonpoly_scheme.auth_seq_num 
_pdbx_nonpoly_scheme.pdb_mon_id 
_pdbx_nonpoly_scheme.auth_mon_id 
_pdbx_nonpoly_scheme.pdb_strand_id 
_pdbx_nonpoly_scheme.pdb_ins_code 
C 3 HOH 1  101 17 HOH HOH A . 
C 3 HOH 2  102 24 HOH HOH A . 
C 3 HOH 3  103 29 HOH HOH A . 
C 3 HOH 4  104 15 HOH HOH A . 
C 3 HOH 5  105 21 HOH HOH A . 
C 3 HOH 6  106 9  HOH HOH A . 
C 3 HOH 7  107 4  HOH HOH A . 
C 3 HOH 8  108 7  HOH HOH A . 
C 3 HOH 9  109 30 HOH HOH A . 
C 3 HOH 10 110 19 HOH HOH A . 
C 3 HOH 11 111 5  HOH HOH A . 
C 3 HOH 12 112 16 HOH HOH A . 
C 3 HOH 13 113 12 HOH HOH A . 
C 3 HOH 14 114 3  HOH HOH A . 
C 3 HOH 15 115 10 HOH HOH A . 
C 3 HOH 16 116 2  HOH HOH A . 
C 3 HOH 17 117 14 HOH HOH A . 
C 3 HOH 18 118 13 HOH HOH A . 
C 3 HOH 19 119 22 HOH HOH A . 
C 3 HOH 20 120 27 HOH HOH A . 
C 3 HOH 21 121 36 HOH HOH A . 
C 3 HOH 22 122 1  HOH HOH A . 
C 3 HOH 23 123 26 HOH HOH A . 
C 3 HOH 24 124 39 HOH HOH A . 
C 3 HOH 25 125 6  HOH HOH A . 
C 3 HOH 26 126 23 HOH HOH A . 
C 3 HOH 27 127 35 HOH HOH A . 
C 3 HOH 28 128 33 HOH HOH A . 
C 3 HOH 29 129 38 HOH HOH A . 
C 3 HOH 30 130 18 HOH HOH A . 
C 3 HOH 31 131 25 HOH HOH A . 
C 3 HOH 32 132 40 HOH HOH A . 
C 3 HOH 33 133 34 HOH HOH A . 
C 3 HOH 34 134 28 HOH HOH A . 
C 3 HOH 35 135 20 HOH HOH A . 
C 3 HOH 36 136 37 HOH HOH A . 
C 3 HOH 37 137 8  HOH HOH A . 
C 3 HOH 38 138 11 HOH HOH A . 
C 3 HOH 39 139 31 HOH HOH A . 
D 3 HOH 1  101 32 HOH HOH P . 
# 
_pdbx_struct_assembly.id                   1 
_pdbx_struct_assembly.details              author_and_software_defined_assembly 
_pdbx_struct_assembly.method_details       PISA 
_pdbx_struct_assembly.oligomeric_details   dimeric 
_pdbx_struct_assembly.oligomeric_count     2 
# 
_pdbx_struct_assembly_gen.assembly_id       1 
_pdbx_struct_assembly_gen.oper_expression   1 
_pdbx_struct_assembly_gen.asym_id_list      A,B,C,D 
# 
loop_
_pdbx_struct_assembly_prop.biol_id 
_pdbx_struct_assembly_prop.type 
_pdbx_struct_assembly_prop.value 
_pdbx_struct_assembly_prop.details 
1 'ABSA (A^2)' 1180 ? 
1 MORE         -5   ? 
1 'SSA (A^2)'  4170 ? 
# 
_pdbx_struct_oper_list.id                   1 
_pdbx_struct_oper_list.type                 'identity operation' 
_pdbx_struct_oper_list.name                 1_555 
_pdbx_struct_oper_list.symmetry_operation   x,y,z 
_pdbx_struct_oper_list.matrix[1][1]         1.0000000000 
_pdbx_struct_oper_list.matrix[1][2]         0.0000000000 
_pdbx_struct_oper_list.matrix[1][3]         0.0000000000 
_pdbx_struct_oper_list.vector[1]            0.0000000000 
_pdbx_struct_oper_list.matrix[2][1]         0.0000000000 
_pdbx_struct_oper_list.matrix[2][2]         1.0000000000 
_pdbx_struct_oper_list.matrix[2][3]         0.0000000000 
_pdbx_struct_oper_list.vector[2]            0.0000000000 
_pdbx_struct_oper_list.matrix[3][1]         0.0000000000 
_pdbx_struct_oper_list.matrix[3][2]         0.0000000000 
_pdbx_struct_oper_list.matrix[3][3]         1.0000000000 
_pdbx_struct_oper_list.vector[3]            0.0000000000 
# 
_pdbx_struct_special_symmetry.id              1 
_pdbx_struct_special_symmetry.PDB_model_num   1 
_pdbx_struct_special_symmetry.auth_asym_id    A 
_pdbx_struct_special_symmetry.auth_comp_id    HOH 
_pdbx_struct_special_symmetry.auth_seq_id     135 
_pdbx_struct_special_symmetry.PDB_ins_code    ? 
_pdbx_struct_special_symmetry.label_asym_id   C 
_pdbx_struct_special_symmetry.label_comp_id   HOH 
_pdbx_struct_special_symmetry.label_seq_id    . 
# 
loop_
_pdbx_audit_revision_history.ordinal 
_pdbx_audit_revision_history.data_content_type 
_pdbx_audit_revision_history.major_revision 
_pdbx_audit_revision_history.minor_revision 
_pdbx_audit_revision_history.revision_date 
1 'Structure model' 1 0 2017-12-06 
2 'Structure model' 1 1 2017-12-13 
3 'Structure model' 1 2 2023-10-04 
# 
_pdbx_audit_revision_details.ordinal             1 
_pdbx_audit_revision_details.revision_ordinal    1 
_pdbx_audit_revision_details.data_content_type   'Structure model' 
_pdbx_audit_revision_details.provider            repository 
_pdbx_audit_revision_details.type                'Initial release' 
_pdbx_audit_revision_details.description         ? 
_pdbx_audit_revision_details.details             ? 
# 
loop_
_pdbx_audit_revision_group.ordinal 
_pdbx_audit_revision_group.revision_ordinal 
_pdbx_audit_revision_group.data_content_type 
_pdbx_audit_revision_group.group 
1 2 'Structure model' 'Database references'    
2 3 'Structure model' 'Data collection'        
3 3 'Structure model' 'Database references'    
4 3 'Structure model' 'Refinement description' 
# 
loop_
_pdbx_audit_revision_category.ordinal 
_pdbx_audit_revision_category.revision_ordinal 
_pdbx_audit_revision_category.data_content_type 
_pdbx_audit_revision_category.category 
1 2 'Structure model' citation                      
2 3 'Structure model' chem_comp_atom                
3 3 'Structure model' chem_comp_bond                
4 3 'Structure model' database_2                    
5 3 'Structure model' pdbx_initial_refinement_model 
# 
loop_
_pdbx_audit_revision_item.ordinal 
_pdbx_audit_revision_item.revision_ordinal 
_pdbx_audit_revision_item.data_content_type 
_pdbx_audit_revision_item.item 
1 2 'Structure model' '_citation.journal_volume'            
2 2 'Structure model' '_citation.page_first'                
3 2 'Structure model' '_citation.page_last'                 
4 3 'Structure model' '_database_2.pdbx_DOI'                
5 3 'Structure model' '_database_2.pdbx_database_accession' 
# 
loop_
_software.citation_id 
_software.classification 
_software.compiler_name 
_software.compiler_version 
_software.contact_author 
_software.contact_author_email 
_software.date 
_software.description 
_software.dependencies 
_software.hardware 
_software.language 
_software.location 
_software.mods 
_software.name 
_software.os 
_software.os_version 
_software.type 
_software.version 
_software.pdbx_ordinal 
? refinement        ? ? ? ? ? ? ? ? ? ? ? PHENIX      ? ? ? '(1.10.1_2155)' 1 
? 'data extraction' ? ? ? ? ? ? ? ? ? ? ? PDB_EXTRACT ? ? ? 3.20            2 
# 
loop_
_pdbx_validate_torsion.id 
_pdbx_validate_torsion.PDB_model_num 
_pdbx_validate_torsion.auth_comp_id 
_pdbx_validate_torsion.auth_asym_id 
_pdbx_validate_torsion.auth_seq_id 
_pdbx_validate_torsion.PDB_ins_code 
_pdbx_validate_torsion.label_alt_id 
_pdbx_validate_torsion.phi 
_pdbx_validate_torsion.psi 
1 1 ASP A 62 ? ? -115.74 73.65 
2 1 CYS A 63 ? ? -142.04 55.97 
# 
loop_
_pdbx_unobs_or_zero_occ_residues.id 
_pdbx_unobs_or_zero_occ_residues.PDB_model_num 
_pdbx_unobs_or_zero_occ_residues.polymer_flag 
_pdbx_unobs_or_zero_occ_residues.occupancy_flag 
_pdbx_unobs_or_zero_occ_residues.auth_asym_id 
_pdbx_unobs_or_zero_occ_residues.auth_comp_id 
_pdbx_unobs_or_zero_occ_residues.auth_seq_id 
_pdbx_unobs_or_zero_occ_residues.PDB_ins_code 
_pdbx_unobs_or_zero_occ_residues.label_asym_id 
_pdbx_unobs_or_zero_occ_residues.label_comp_id 
_pdbx_unobs_or_zero_occ_residues.label_seq_id 
1  1 Y 1 A MET 8  ? A MET 1  
2  1 Y 1 A LYS 9  ? A LYS 2  
3  1 Y 1 A LYS 10 ? A LYS 3  
4  1 Y 1 A HIS 11 ? A HIS 4  
5  1 Y 1 A HIS 12 ? A HIS 5  
6  1 Y 1 A HIS 13 ? A HIS 6  
7  1 Y 1 A HIS 14 ? A HIS 7  
8  1 Y 1 A HIS 15 ? A HIS 8  
9  1 Y 1 A HIS 16 ? A HIS 9  
10 1 Y 1 A ALA 17 ? A ALA 10 
11 1 Y 1 A GLU 18 ? A GLU 11 
12 1 Y 1 A GLU 19 ? A GLU 12 
13 1 Y 1 A GLU 20 ? A GLU 13 
14 1 Y 1 A GLU 21 ? A GLU 14 
15 1 Y 1 A LYS 75 ? A LYS 68 
16 1 Y 1 A ASP 76 ? A ASP 69 
# 
loop_
_chem_comp_atom.comp_id 
_chem_comp_atom.atom_id 
_chem_comp_atom.type_symbol 
_chem_comp_atom.pdbx_aromatic_flag 
_chem_comp_atom.pdbx_stereo_config 
_chem_comp_atom.pdbx_ordinal 
ALA N    N N N 1   
ALA CA   C N S 2   
ALA C    C N N 3   
ALA O    O N N 4   
ALA CB   C N N 5   
ALA OXT  O N N 6   
ALA H    H N N 7   
ALA H2   H N N 8   
ALA HA   H N N 9   
ALA HB1  H N N 10  
ALA HB2  H N N 11  
ALA HB3  H N N 12  
ALA HXT  H N N 13  
ARG N    N N N 14  
ARG CA   C N S 15  
ARG C    C N N 16  
ARG O    O N N 17  
ARG CB   C N N 18  
ARG CG   C N N 19  
ARG CD   C N N 20  
ARG NE   N N N 21  
ARG CZ   C N N 22  
ARG NH1  N N N 23  
ARG NH2  N N N 24  
ARG OXT  O N N 25  
ARG H    H N N 26  
ARG H2   H N N 27  
ARG HA   H N N 28  
ARG HB2  H N N 29  
ARG HB3  H N N 30  
ARG HG2  H N N 31  
ARG HG3  H N N 32  
ARG HD2  H N N 33  
ARG HD3  H N N 34  
ARG HE   H N N 35  
ARG HH11 H N N 36  
ARG HH12 H N N 37  
ARG HH21 H N N 38  
ARG HH22 H N N 39  
ARG HXT  H N N 40  
ASN N    N N N 41  
ASN CA   C N S 42  
ASN C    C N N 43  
ASN O    O N N 44  
ASN CB   C N N 45  
ASN CG   C N N 46  
ASN OD1  O N N 47  
ASN ND2  N N N 48  
ASN OXT  O N N 49  
ASN H    H N N 50  
ASN H2   H N N 51  
ASN HA   H N N 52  
ASN HB2  H N N 53  
ASN HB3  H N N 54  
ASN HD21 H N N 55  
ASN HD22 H N N 56  
ASN HXT  H N N 57  
ASP N    N N N 58  
ASP CA   C N S 59  
ASP C    C N N 60  
ASP O    O N N 61  
ASP CB   C N N 62  
ASP CG   C N N 63  
ASP OD1  O N N 64  
ASP OD2  O N N 65  
ASP OXT  O N N 66  
ASP H    H N N 67  
ASP H2   H N N 68  
ASP HA   H N N 69  
ASP HB2  H N N 70  
ASP HB3  H N N 71  
ASP HD2  H N N 72  
ASP HXT  H N N 73  
CYS N    N N N 74  
CYS CA   C N R 75  
CYS C    C N N 76  
CYS O    O N N 77  
CYS CB   C N N 78  
CYS SG   S N N 79  
CYS OXT  O N N 80  
CYS H    H N N 81  
CYS H2   H N N 82  
CYS HA   H N N 83  
CYS HB2  H N N 84  
CYS HB3  H N N 85  
CYS HG   H N N 86  
CYS HXT  H N N 87  
GLN N    N N N 88  
GLN CA   C N S 89  
GLN C    C N N 90  
GLN O    O N N 91  
GLN CB   C N N 92  
GLN CG   C N N 93  
GLN CD   C N N 94  
GLN OE1  O N N 95  
GLN NE2  N N N 96  
GLN OXT  O N N 97  
GLN H    H N N 98  
GLN H2   H N N 99  
GLN HA   H N N 100 
GLN HB2  H N N 101 
GLN HB3  H N N 102 
GLN HG2  H N N 103 
GLN HG3  H N N 104 
GLN HE21 H N N 105 
GLN HE22 H N N 106 
GLN HXT  H N N 107 
GLU N    N N N 108 
GLU CA   C N S 109 
GLU C    C N N 110 
GLU O    O N N 111 
GLU CB   C N N 112 
GLU CG   C N N 113 
GLU CD   C N N 114 
GLU OE1  O N N 115 
GLU OE2  O N N 116 
GLU OXT  O N N 117 
GLU H    H N N 118 
GLU H2   H N N 119 
GLU HA   H N N 120 
GLU HB2  H N N 121 
GLU HB3  H N N 122 
GLU HG2  H N N 123 
GLU HG3  H N N 124 
GLU HE2  H N N 125 
GLU HXT  H N N 126 
GLY N    N N N 127 
GLY CA   C N N 128 
GLY C    C N N 129 
GLY O    O N N 130 
GLY OXT  O N N 131 
GLY H    H N N 132 
GLY H2   H N N 133 
GLY HA2  H N N 134 
GLY HA3  H N N 135 
GLY HXT  H N N 136 
HIS N    N N N 137 
HIS CA   C N S 138 
HIS C    C N N 139 
HIS O    O N N 140 
HIS CB   C N N 141 
HIS CG   C Y N 142 
HIS ND1  N Y N 143 
HIS CD2  C Y N 144 
HIS CE1  C Y N 145 
HIS NE2  N Y N 146 
HIS OXT  O N N 147 
HIS H    H N N 148 
HIS H2   H N N 149 
HIS HA   H N N 150 
HIS HB2  H N N 151 
HIS HB3  H N N 152 
HIS HD1  H N N 153 
HIS HD2  H N N 154 
HIS HE1  H N N 155 
HIS HE2  H N N 156 
HIS HXT  H N N 157 
HOH O    O N N 158 
HOH H1   H N N 159 
HOH H2   H N N 160 
ILE N    N N N 161 
ILE CA   C N S 162 
ILE C    C N N 163 
ILE O    O N N 164 
ILE CB   C N S 165 
ILE CG1  C N N 166 
ILE CG2  C N N 167 
ILE CD1  C N N 168 
ILE OXT  O N N 169 
ILE H    H N N 170 
ILE H2   H N N 171 
ILE HA   H N N 172 
ILE HB   H N N 173 
ILE HG12 H N N 174 
ILE HG13 H N N 175 
ILE HG21 H N N 176 
ILE HG22 H N N 177 
ILE HG23 H N N 178 
ILE HD11 H N N 179 
ILE HD12 H N N 180 
ILE HD13 H N N 181 
ILE HXT  H N N 182 
LEU N    N N N 183 
LEU CA   C N S 184 
LEU C    C N N 185 
LEU O    O N N 186 
LEU CB   C N N 187 
LEU CG   C N N 188 
LEU CD1  C N N 189 
LEU CD2  C N N 190 
LEU OXT  O N N 191 
LEU H    H N N 192 
LEU H2   H N N 193 
LEU HA   H N N 194 
LEU HB2  H N N 195 
LEU HB3  H N N 196 
LEU HG   H N N 197 
LEU HD11 H N N 198 
LEU HD12 H N N 199 
LEU HD13 H N N 200 
LEU HD21 H N N 201 
LEU HD22 H N N 202 
LEU HD23 H N N 203 
LEU HXT  H N N 204 
LYS N    N N N 205 
LYS CA   C N S 206 
LYS C    C N N 207 
LYS O    O N N 208 
LYS CB   C N N 209 
LYS CG   C N N 210 
LYS CD   C N N 211 
LYS CE   C N N 212 
LYS NZ   N N N 213 
LYS OXT  O N N 214 
LYS H    H N N 215 
LYS H2   H N N 216 
LYS HA   H N N 217 
LYS HB2  H N N 218 
LYS HB3  H N N 219 
LYS HG2  H N N 220 
LYS HG3  H N N 221 
LYS HD2  H N N 222 
LYS HD3  H N N 223 
LYS HE2  H N N 224 
LYS HE3  H N N 225 
LYS HZ1  H N N 226 
LYS HZ2  H N N 227 
LYS HZ3  H N N 228 
LYS HXT  H N N 229 
M3L N    N N N 230 
M3L CA   C N S 231 
M3L CB   C N N 232 
M3L CG   C N N 233 
M3L CD   C N N 234 
M3L CE   C N N 235 
M3L NZ   N N N 236 
M3L C    C N N 237 
M3L O    O N N 238 
M3L OXT  O N N 239 
M3L CM1  C N N 240 
M3L CM2  C N N 241 
M3L CM3  C N N 242 
M3L H    H N N 243 
M3L H2   H N N 244 
M3L HA   H N N 245 
M3L HB2  H N N 246 
M3L HB3  H N N 247 
M3L HG2  H N N 248 
M3L HG3  H N N 249 
M3L HD2  H N N 250 
M3L HD3  H N N 251 
M3L HE2  H N N 252 
M3L HE3  H N N 253 
M3L HXT  H N N 254 
M3L HM11 H N N 255 
M3L HM12 H N N 256 
M3L HM13 H N N 257 
M3L HM21 H N N 258 
M3L HM22 H N N 259 
M3L HM23 H N N 260 
M3L HM31 H N N 261 
M3L HM32 H N N 262 
M3L HM33 H N N 263 
MET N    N N N 264 
MET CA   C N S 265 
MET C    C N N 266 
MET O    O N N 267 
MET CB   C N N 268 
MET CG   C N N 269 
MET SD   S N N 270 
MET CE   C N N 271 
MET OXT  O N N 272 
MET H    H N N 273 
MET H2   H N N 274 
MET HA   H N N 275 
MET HB2  H N N 276 
MET HB3  H N N 277 
MET HG2  H N N 278 
MET HG3  H N N 279 
MET HE1  H N N 280 
MET HE2  H N N 281 
MET HE3  H N N 282 
MET HXT  H N N 283 
PPN N    N N N 284 
PPN CA   C N S 285 
PPN C    C N N 286 
PPN O    O N N 287 
PPN OXT  O N N 288 
PPN CB   C N N 289 
PPN CG   C Y N 290 
PPN CD1  C Y N 291 
PPN CD2  C Y N 292 
PPN CE1  C Y N 293 
PPN CE2  C Y N 294 
PPN CZ   C Y N 295 
PPN N1   N N N 296 
PPN O1   O N N 297 
PPN O2   O N N 298 
PPN H    H N N 299 
PPN H2   H N N 300 
PPN HA   H N N 301 
PPN HXT  H N N 302 
PPN HB2  H N N 303 
PPN HB3  H N N 304 
PPN HD1  H N N 305 
PPN HD2  H N N 306 
PPN HE1  H N N 307 
PPN HE2  H N N 308 
PRO N    N N N 309 
PRO CA   C N S 310 
PRO C    C N N 311 
PRO O    O N N 312 
PRO CB   C N N 313 
PRO CG   C N N 314 
PRO CD   C N N 315 
PRO OXT  O N N 316 
PRO H    H N N 317 
PRO HA   H N N 318 
PRO HB2  H N N 319 
PRO HB3  H N N 320 
PRO HG2  H N N 321 
PRO HG3  H N N 322 
PRO HD2  H N N 323 
PRO HD3  H N N 324 
PRO HXT  H N N 325 
SER N    N N N 326 
SER CA   C N S 327 
SER C    C N N 328 
SER O    O N N 329 
SER CB   C N N 330 
SER OG   O N N 331 
SER OXT  O N N 332 
SER H    H N N 333 
SER H2   H N N 334 
SER HA   H N N 335 
SER HB2  H N N 336 
SER HB3  H N N 337 
SER HG   H N N 338 
SER HXT  H N N 339 
THR N    N N N 340 
THR CA   C N S 341 
THR C    C N N 342 
THR O    O N N 343 
THR CB   C N R 344 
THR OG1  O N N 345 
THR CG2  C N N 346 
THR OXT  O N N 347 
THR H    H N N 348 
THR H2   H N N 349 
THR HA   H N N 350 
THR HB   H N N 351 
THR HG1  H N N 352 
THR HG21 H N N 353 
THR HG22 H N N 354 
THR HG23 H N N 355 
THR HXT  H N N 356 
TRP N    N N N 357 
TRP CA   C N S 358 
TRP C    C N N 359 
TRP O    O N N 360 
TRP CB   C N N 361 
TRP CG   C Y N 362 
TRP CD1  C Y N 363 
TRP CD2  C Y N 364 
TRP NE1  N Y N 365 
TRP CE2  C Y N 366 
TRP CE3  C Y N 367 
TRP CZ2  C Y N 368 
TRP CZ3  C Y N 369 
TRP CH2  C Y N 370 
TRP OXT  O N N 371 
TRP H    H N N 372 
TRP H2   H N N 373 
TRP HA   H N N 374 
TRP HB2  H N N 375 
TRP HB3  H N N 376 
TRP HD1  H N N 377 
TRP HE1  H N N 378 
TRP HE3  H N N 379 
TRP HZ2  H N N 380 
TRP HZ3  H N N 381 
TRP HH2  H N N 382 
TRP HXT  H N N 383 
TYR N    N N N 384 
TYR CA   C N S 385 
TYR C    C N N 386 
TYR O    O N N 387 
TYR CB   C N N 388 
TYR CG   C Y N 389 
TYR CD1  C Y N 390 
TYR CD2  C Y N 391 
TYR CE1  C Y N 392 
TYR CE2  C Y N 393 
TYR CZ   C Y N 394 
TYR OH   O N N 395 
TYR OXT  O N N 396 
TYR H    H N N 397 
TYR H2   H N N 398 
TYR HA   H N N 399 
TYR HB2  H N N 400 
TYR HB3  H N N 401 
TYR HD1  H N N 402 
TYR HD2  H N N 403 
TYR HE1  H N N 404 
TYR HE2  H N N 405 
TYR HH   H N N 406 
TYR HXT  H N N 407 
VAL N    N N N 408 
VAL CA   C N S 409 
VAL C    C N N 410 
VAL O    O N N 411 
VAL CB   C N N 412 
VAL CG1  C N N 413 
VAL CG2  C N N 414 
VAL OXT  O N N 415 
VAL H    H N N 416 
VAL H2   H N N 417 
VAL HA   H N N 418 
VAL HB   H N N 419 
VAL HG11 H N N 420 
VAL HG12 H N N 421 
VAL HG13 H N N 422 
VAL HG21 H N N 423 
VAL HG22 H N N 424 
VAL HG23 H N N 425 
VAL HXT  H N N 426 
# 
loop_
_chem_comp_bond.comp_id 
_chem_comp_bond.atom_id_1 
_chem_comp_bond.atom_id_2 
_chem_comp_bond.value_order 
_chem_comp_bond.pdbx_aromatic_flag 
_chem_comp_bond.pdbx_stereo_config 
_chem_comp_bond.pdbx_ordinal 
ALA N   CA   sing N N 1   
ALA N   H    sing N N 2   
ALA N   H2   sing N N 3   
ALA CA  C    sing N N 4   
ALA CA  CB   sing N N 5   
ALA CA  HA   sing N N 6   
ALA C   O    doub N N 7   
ALA C   OXT  sing N N 8   
ALA CB  HB1  sing N N 9   
ALA CB  HB2  sing N N 10  
ALA CB  HB3  sing N N 11  
ALA OXT HXT  sing N N 12  
ARG N   CA   sing N N 13  
ARG N   H    sing N N 14  
ARG N   H2   sing N N 15  
ARG CA  C    sing N N 16  
ARG CA  CB   sing N N 17  
ARG CA  HA   sing N N 18  
ARG C   O    doub N N 19  
ARG C   OXT  sing N N 20  
ARG CB  CG   sing N N 21  
ARG CB  HB2  sing N N 22  
ARG CB  HB3  sing N N 23  
ARG CG  CD   sing N N 24  
ARG CG  HG2  sing N N 25  
ARG CG  HG3  sing N N 26  
ARG CD  NE   sing N N 27  
ARG CD  HD2  sing N N 28  
ARG CD  HD3  sing N N 29  
ARG NE  CZ   sing N N 30  
ARG NE  HE   sing N N 31  
ARG CZ  NH1  sing N N 32  
ARG CZ  NH2  doub N N 33  
ARG NH1 HH11 sing N N 34  
ARG NH1 HH12 sing N N 35  
ARG NH2 HH21 sing N N 36  
ARG NH2 HH22 sing N N 37  
ARG OXT HXT  sing N N 38  
ASN N   CA   sing N N 39  
ASN N   H    sing N N 40  
ASN N   H2   sing N N 41  
ASN CA  C    sing N N 42  
ASN CA  CB   sing N N 43  
ASN CA  HA   sing N N 44  
ASN C   O    doub N N 45  
ASN C   OXT  sing N N 46  
ASN CB  CG   sing N N 47  
ASN CB  HB2  sing N N 48  
ASN CB  HB3  sing N N 49  
ASN CG  OD1  doub N N 50  
ASN CG  ND2  sing N N 51  
ASN ND2 HD21 sing N N 52  
ASN ND2 HD22 sing N N 53  
ASN OXT HXT  sing N N 54  
ASP N   CA   sing N N 55  
ASP N   H    sing N N 56  
ASP N   H2   sing N N 57  
ASP CA  C    sing N N 58  
ASP CA  CB   sing N N 59  
ASP CA  HA   sing N N 60  
ASP C   O    doub N N 61  
ASP C   OXT  sing N N 62  
ASP CB  CG   sing N N 63  
ASP CB  HB2  sing N N 64  
ASP CB  HB3  sing N N 65  
ASP CG  OD1  doub N N 66  
ASP CG  OD2  sing N N 67  
ASP OD2 HD2  sing N N 68  
ASP OXT HXT  sing N N 69  
CYS N   CA   sing N N 70  
CYS N   H    sing N N 71  
CYS N   H2   sing N N 72  
CYS CA  C    sing N N 73  
CYS CA  CB   sing N N 74  
CYS CA  HA   sing N N 75  
CYS C   O    doub N N 76  
CYS C   OXT  sing N N 77  
CYS CB  SG   sing N N 78  
CYS CB  HB2  sing N N 79  
CYS CB  HB3  sing N N 80  
CYS SG  HG   sing N N 81  
CYS OXT HXT  sing N N 82  
GLN N   CA   sing N N 83  
GLN N   H    sing N N 84  
GLN N   H2   sing N N 85  
GLN CA  C    sing N N 86  
GLN CA  CB   sing N N 87  
GLN CA  HA   sing N N 88  
GLN C   O    doub N N 89  
GLN C   OXT  sing N N 90  
GLN CB  CG   sing N N 91  
GLN CB  HB2  sing N N 92  
GLN CB  HB3  sing N N 93  
GLN CG  CD   sing N N 94  
GLN CG  HG2  sing N N 95  
GLN CG  HG3  sing N N 96  
GLN CD  OE1  doub N N 97  
GLN CD  NE2  sing N N 98  
GLN NE2 HE21 sing N N 99  
GLN NE2 HE22 sing N N 100 
GLN OXT HXT  sing N N 101 
GLU N   CA   sing N N 102 
GLU N   H    sing N N 103 
GLU N   H2   sing N N 104 
GLU CA  C    sing N N 105 
GLU CA  CB   sing N N 106 
GLU CA  HA   sing N N 107 
GLU C   O    doub N N 108 
GLU C   OXT  sing N N 109 
GLU CB  CG   sing N N 110 
GLU CB  HB2  sing N N 111 
GLU CB  HB3  sing N N 112 
GLU CG  CD   sing N N 113 
GLU CG  HG2  sing N N 114 
GLU CG  HG3  sing N N 115 
GLU CD  OE1  doub N N 116 
GLU CD  OE2  sing N N 117 
GLU OE2 HE2  sing N N 118 
GLU OXT HXT  sing N N 119 
GLY N   CA   sing N N 120 
GLY N   H    sing N N 121 
GLY N   H2   sing N N 122 
GLY CA  C    sing N N 123 
GLY CA  HA2  sing N N 124 
GLY CA  HA3  sing N N 125 
GLY C   O    doub N N 126 
GLY C   OXT  sing N N 127 
GLY OXT HXT  sing N N 128 
HIS N   CA   sing N N 129 
HIS N   H    sing N N 130 
HIS N   H2   sing N N 131 
HIS CA  C    sing N N 132 
HIS CA  CB   sing N N 133 
HIS CA  HA   sing N N 134 
HIS C   O    doub N N 135 
HIS C   OXT  sing N N 136 
HIS CB  CG   sing N N 137 
HIS CB  HB2  sing N N 138 
HIS CB  HB3  sing N N 139 
HIS CG  ND1  sing Y N 140 
HIS CG  CD2  doub Y N 141 
HIS ND1 CE1  doub Y N 142 
HIS ND1 HD1  sing N N 143 
HIS CD2 NE2  sing Y N 144 
HIS CD2 HD2  sing N N 145 
HIS CE1 NE2  sing Y N 146 
HIS CE1 HE1  sing N N 147 
HIS NE2 HE2  sing N N 148 
HIS OXT HXT  sing N N 149 
HOH O   H1   sing N N 150 
HOH O   H2   sing N N 151 
ILE N   CA   sing N N 152 
ILE N   H    sing N N 153 
ILE N   H2   sing N N 154 
ILE CA  C    sing N N 155 
ILE CA  CB   sing N N 156 
ILE CA  HA   sing N N 157 
ILE C   O    doub N N 158 
ILE C   OXT  sing N N 159 
ILE CB  CG1  sing N N 160 
ILE CB  CG2  sing N N 161 
ILE CB  HB   sing N N 162 
ILE CG1 CD1  sing N N 163 
ILE CG1 HG12 sing N N 164 
ILE CG1 HG13 sing N N 165 
ILE CG2 HG21 sing N N 166 
ILE CG2 HG22 sing N N 167 
ILE CG2 HG23 sing N N 168 
ILE CD1 HD11 sing N N 169 
ILE CD1 HD12 sing N N 170 
ILE CD1 HD13 sing N N 171 
ILE OXT HXT  sing N N 172 
LEU N   CA   sing N N 173 
LEU N   H    sing N N 174 
LEU N   H2   sing N N 175 
LEU CA  C    sing N N 176 
LEU CA  CB   sing N N 177 
LEU CA  HA   sing N N 178 
LEU C   O    doub N N 179 
LEU C   OXT  sing N N 180 
LEU CB  CG   sing N N 181 
LEU CB  HB2  sing N N 182 
LEU CB  HB3  sing N N 183 
LEU CG  CD1  sing N N 184 
LEU CG  CD2  sing N N 185 
LEU CG  HG   sing N N 186 
LEU CD1 HD11 sing N N 187 
LEU CD1 HD12 sing N N 188 
LEU CD1 HD13 sing N N 189 
LEU CD2 HD21 sing N N 190 
LEU CD2 HD22 sing N N 191 
LEU CD2 HD23 sing N N 192 
LEU OXT HXT  sing N N 193 
LYS N   CA   sing N N 194 
LYS N   H    sing N N 195 
LYS N   H2   sing N N 196 
LYS CA  C    sing N N 197 
LYS CA  CB   sing N N 198 
LYS CA  HA   sing N N 199 
LYS C   O    doub N N 200 
LYS C   OXT  sing N N 201 
LYS CB  CG   sing N N 202 
LYS CB  HB2  sing N N 203 
LYS CB  HB3  sing N N 204 
LYS CG  CD   sing N N 205 
LYS CG  HG2  sing N N 206 
LYS CG  HG3  sing N N 207 
LYS CD  CE   sing N N 208 
LYS CD  HD2  sing N N 209 
LYS CD  HD3  sing N N 210 
LYS CE  NZ   sing N N 211 
LYS CE  HE2  sing N N 212 
LYS CE  HE3  sing N N 213 
LYS NZ  HZ1  sing N N 214 
LYS NZ  HZ2  sing N N 215 
LYS NZ  HZ3  sing N N 216 
LYS OXT HXT  sing N N 217 
M3L N   CA   sing N N 218 
M3L N   H    sing N N 219 
M3L N   H2   sing N N 220 
M3L CA  CB   sing N N 221 
M3L CA  C    sing N N 222 
M3L CA  HA   sing N N 223 
M3L CB  CG   sing N N 224 
M3L CB  HB2  sing N N 225 
M3L CB  HB3  sing N N 226 
M3L CG  CD   sing N N 227 
M3L CG  HG2  sing N N 228 
M3L CG  HG3  sing N N 229 
M3L CD  CE   sing N N 230 
M3L CD  HD2  sing N N 231 
M3L CD  HD3  sing N N 232 
M3L CE  NZ   sing N N 233 
M3L CE  HE2  sing N N 234 
M3L CE  HE3  sing N N 235 
M3L NZ  CM1  sing N N 236 
M3L NZ  CM2  sing N N 237 
M3L NZ  CM3  sing N N 238 
M3L C   O    doub N N 239 
M3L C   OXT  sing N N 240 
M3L OXT HXT  sing N N 241 
M3L CM1 HM11 sing N N 242 
M3L CM1 HM12 sing N N 243 
M3L CM1 HM13 sing N N 244 
M3L CM2 HM21 sing N N 245 
M3L CM2 HM22 sing N N 246 
M3L CM2 HM23 sing N N 247 
M3L CM3 HM31 sing N N 248 
M3L CM3 HM32 sing N N 249 
M3L CM3 HM33 sing N N 250 
MET N   CA   sing N N 251 
MET N   H    sing N N 252 
MET N   H2   sing N N 253 
MET CA  C    sing N N 254 
MET CA  CB   sing N N 255 
MET CA  HA   sing N N 256 
MET C   O    doub N N 257 
MET C   OXT  sing N N 258 
MET CB  CG   sing N N 259 
MET CB  HB2  sing N N 260 
MET CB  HB3  sing N N 261 
MET CG  SD   sing N N 262 
MET CG  HG2  sing N N 263 
MET CG  HG3  sing N N 264 
MET SD  CE   sing N N 265 
MET CE  HE1  sing N N 266 
MET CE  HE2  sing N N 267 
MET CE  HE3  sing N N 268 
MET OXT HXT  sing N N 269 
PPN N   CA   sing N N 270 
PPN N   H    sing N N 271 
PPN N   H2   sing N N 272 
PPN CA  C    sing N N 273 
PPN CA  CB   sing N N 274 
PPN CA  HA   sing N N 275 
PPN C   O    doub N N 276 
PPN C   OXT  sing N N 277 
PPN OXT HXT  sing N N 278 
PPN CB  CG   sing N N 279 
PPN CB  HB2  sing N N 280 
PPN CB  HB3  sing N N 281 
PPN CG  CD1  doub Y N 282 
PPN CG  CD2  sing Y N 283 
PPN CD1 CE1  sing Y N 284 
PPN CD1 HD1  sing N N 285 
PPN CD2 CE2  doub Y N 286 
PPN CD2 HD2  sing N N 287 
PPN CE1 CZ   doub Y N 288 
PPN CE1 HE1  sing N N 289 
PPN CE2 CZ   sing Y N 290 
PPN CE2 HE2  sing N N 291 
PPN CZ  N1   sing N N 292 
PPN N1  O1   doub N N 293 
PPN N1  O2   sing N N 294 
PRO N   CA   sing N N 295 
PRO N   CD   sing N N 296 
PRO N   H    sing N N 297 
PRO CA  C    sing N N 298 
PRO CA  CB   sing N N 299 
PRO CA  HA   sing N N 300 
PRO C   O    doub N N 301 
PRO C   OXT  sing N N 302 
PRO CB  CG   sing N N 303 
PRO CB  HB2  sing N N 304 
PRO CB  HB3  sing N N 305 
PRO CG  CD   sing N N 306 
PRO CG  HG2  sing N N 307 
PRO CG  HG3  sing N N 308 
PRO CD  HD2  sing N N 309 
PRO CD  HD3  sing N N 310 
PRO OXT HXT  sing N N 311 
SER N   CA   sing N N 312 
SER N   H    sing N N 313 
SER N   H2   sing N N 314 
SER CA  C    sing N N 315 
SER CA  CB   sing N N 316 
SER CA  HA   sing N N 317 
SER C   O    doub N N 318 
SER C   OXT  sing N N 319 
SER CB  OG   sing N N 320 
SER CB  HB2  sing N N 321 
SER CB  HB3  sing N N 322 
SER OG  HG   sing N N 323 
SER OXT HXT  sing N N 324 
THR N   CA   sing N N 325 
THR N   H    sing N N 326 
THR N   H2   sing N N 327 
THR CA  C    sing N N 328 
THR CA  CB   sing N N 329 
THR CA  HA   sing N N 330 
THR C   O    doub N N 331 
THR C   OXT  sing N N 332 
THR CB  OG1  sing N N 333 
THR CB  CG2  sing N N 334 
THR CB  HB   sing N N 335 
THR OG1 HG1  sing N N 336 
THR CG2 HG21 sing N N 337 
THR CG2 HG22 sing N N 338 
THR CG2 HG23 sing N N 339 
THR OXT HXT  sing N N 340 
TRP N   CA   sing N N 341 
TRP N   H    sing N N 342 
TRP N   H2   sing N N 343 
TRP CA  C    sing N N 344 
TRP CA  CB   sing N N 345 
TRP CA  HA   sing N N 346 
TRP C   O    doub N N 347 
TRP C   OXT  sing N N 348 
TRP CB  CG   sing N N 349 
TRP CB  HB2  sing N N 350 
TRP CB  HB3  sing N N 351 
TRP CG  CD1  doub Y N 352 
TRP CG  CD2  sing Y N 353 
TRP CD1 NE1  sing Y N 354 
TRP CD1 HD1  sing N N 355 
TRP CD2 CE2  doub Y N 356 
TRP CD2 CE3  sing Y N 357 
TRP NE1 CE2  sing Y N 358 
TRP NE1 HE1  sing N N 359 
TRP CE2 CZ2  sing Y N 360 
TRP CE3 CZ3  doub Y N 361 
TRP CE3 HE3  sing N N 362 
TRP CZ2 CH2  doub Y N 363 
TRP CZ2 HZ2  sing N N 364 
TRP CZ3 CH2  sing Y N 365 
TRP CZ3 HZ3  sing N N 366 
TRP CH2 HH2  sing N N 367 
TRP OXT HXT  sing N N 368 
TYR N   CA   sing N N 369 
TYR N   H    sing N N 370 
TYR N   H2   sing N N 371 
TYR CA  C    sing N N 372 
TYR CA  CB   sing N N 373 
TYR CA  HA   sing N N 374 
TYR C   O    doub N N 375 
TYR C   OXT  sing N N 376 
TYR CB  CG   sing N N 377 
TYR CB  HB2  sing N N 378 
TYR CB  HB3  sing N N 379 
TYR CG  CD1  doub Y N 380 
TYR CG  CD2  sing Y N 381 
TYR CD1 CE1  sing Y N 382 
TYR CD1 HD1  sing N N 383 
TYR CD2 CE2  doub Y N 384 
TYR CD2 HD2  sing N N 385 
TYR CE1 CZ   doub Y N 386 
TYR CE1 HE1  sing N N 387 
TYR CE2 CZ   sing Y N 388 
TYR CE2 HE2  sing N N 389 
TYR CZ  OH   sing N N 390 
TYR OH  HH   sing N N 391 
TYR OXT HXT  sing N N 392 
VAL N   CA   sing N N 393 
VAL N   H    sing N N 394 
VAL N   H2   sing N N 395 
VAL CA  C    sing N N 396 
VAL CA  CB   sing N N 397 
VAL CA  HA   sing N N 398 
VAL C   O    doub N N 399 
VAL C   OXT  sing N N 400 
VAL CB  CG1  sing N N 401 
VAL CB  CG2  sing N N 402 
VAL CB  HB   sing N N 403 
VAL CG1 HG11 sing N N 404 
VAL CG1 HG12 sing N N 405 
VAL CG1 HG13 sing N N 406 
VAL CG2 HG21 sing N N 407 
VAL CG2 HG22 sing N N 408 
VAL CG2 HG23 sing N N 409 
VAL OXT HXT  sing N N 410 
# 
_pdbx_entity_nonpoly.entity_id   3 
_pdbx_entity_nonpoly.name        water 
_pdbx_entity_nonpoly.comp_id     HOH 
# 
_pdbx_initial_refinement_model.id               1 
_pdbx_initial_refinement_model.entity_id_list   ? 
_pdbx_initial_refinement_model.type             'experimental model' 
_pdbx_initial_refinement_model.source_name      PDB 
_pdbx_initial_refinement_model.accession_code   1KNE 
_pdbx_initial_refinement_model.details          ? 
# 
_pdbx_struct_assembly_auth_evidence.id                     1 
_pdbx_struct_assembly_auth_evidence.assembly_id            1 
_pdbx_struct_assembly_auth_evidence.experimental_support   none 
_pdbx_struct_assembly_auth_evidence.details                ? 
# 
